data_1KHO
#
_entry.id   1KHO
#
_cell.length_a   117.230
_cell.length_b   117.230
_cell.length_c   220.590
_cell.angle_alpha   90.00
_cell.angle_beta   90.00
_cell.angle_gamma   90.00
#
_symmetry.space_group_name_H-M   'P 41 2 2'
#
loop_
_entity.id
_entity.type
_entity.pdbx_description
1 polymer alpha-toxin
2 non-polymer 'ZINC ION'
3 water water
#
_entity_poly.entity_id   1
_entity_poly.type   'polypeptide(L)'
_entity_poly.pdbx_seq_one_letter_code
;WDGKADGTGTHAMIATQGVTILENDLSSNEPEVIRNNLEILKQNMHDLQLGSTYPDYDKNAYDLYQDHFWDPDTDNNFTK
DSKWYLSYSIPDTAESQIRKFSALARYEWKRGNYKQATFYLGEAMHYFGDADTPYHAANVTAVDSPGHVKFETFAEDRKD
QYKINTTGSKTNDAFYSNILTNEDFNSWSKEFARSFAKTAKDLYYSHANMSCSWDEWDYAAKVALANSQKGTSGYIYRFL
HDVSDGKDSSANKNVNELVAYITTGGEKYAGTDDYMYFGIKTKDGQTQEWTMDNPGNDFMTGSQDTYTFKLKDKNLKIDD
IQNMWIRKSKYTEFGDDYKPANIKVIANGNVVLNKDINEWISGNSTYNIK
;
_entity_poly.pdbx_strand_id   A,B
#
loop_
_chem_comp.id
_chem_comp.type
_chem_comp.name
_chem_comp.formula
ZN non-polymer 'ZINC ION' 'Zn 2'
#
# COMPACT_ATOMS: atom_id res chain seq x y z
N TRP A 1 -19.28 -7.94 1.51
CA TRP A 1 -20.44 -8.86 1.64
C TRP A 1 -20.71 -9.59 0.32
N ASP A 2 -21.44 -10.70 0.36
CA ASP A 2 -21.77 -11.39 -0.89
C ASP A 2 -22.94 -10.71 -1.54
N GLY A 3 -23.05 -10.91 -2.84
CA GLY A 3 -24.15 -10.37 -3.61
C GLY A 3 -24.19 -11.11 -4.93
N LYS A 4 -25.33 -11.08 -5.61
CA LYS A 4 -25.45 -11.75 -6.92
C LYS A 4 -25.89 -10.79 -8.01
N ALA A 5 -25.42 -11.03 -9.23
CA ALA A 5 -25.75 -10.14 -10.33
C ALA A 5 -27.23 -9.82 -10.55
N ASP A 6 -28.13 -10.70 -10.17
CA ASP A 6 -29.57 -10.44 -10.36
C ASP A 6 -30.15 -9.47 -9.32
N GLY A 7 -29.27 -8.91 -8.50
CA GLY A 7 -29.74 -7.99 -7.48
C GLY A 7 -30.28 -8.63 -6.23
N THR A 8 -29.75 -9.79 -5.83
CA THR A 8 -30.16 -10.48 -4.61
C THR A 8 -28.88 -10.75 -3.80
N GLY A 9 -29.04 -11.16 -2.56
CA GLY A 9 -27.90 -11.43 -1.71
C GLY A 9 -27.78 -10.43 -0.56
N THR A 10 -26.76 -10.62 0.30
CA THR A 10 -26.51 -9.77 1.45
C THR A 10 -26.59 -8.30 1.12
N HIS A 11 -25.88 -7.91 0.06
CA HIS A 11 -25.87 -6.51 -0.38
C HIS A 11 -27.22 -5.92 -0.71
N ALA A 12 -28.08 -6.69 -1.36
CA ALA A 12 -29.40 -6.19 -1.72
C ALA A 12 -30.28 -6.11 -0.45
N MET A 13 -30.07 -7.05 0.47
CA MET A 13 -30.83 -7.02 1.71
C MET A 13 -30.51 -5.72 2.41
N ILE A 14 -29.21 -5.37 2.45
CA ILE A 14 -28.81 -4.15 3.11
C ILE A 14 -29.42 -2.92 2.47
N ALA A 15 -29.36 -2.83 1.14
CA ALA A 15 -29.93 -1.68 0.44
C ALA A 15 -31.45 -1.59 0.61
N THR A 16 -32.14 -2.72 0.45
CA THR A 16 -33.58 -2.78 0.58
C THR A 16 -33.98 -2.40 2.02
N GLN A 17 -33.37 -3.02 3.04
CA GLN A 17 -33.67 -2.65 4.42
C GLN A 17 -33.43 -1.17 4.66
N GLY A 18 -32.41 -0.63 4.00
CA GLY A 18 -32.09 0.78 4.11
C GLY A 18 -33.28 1.69 3.78
N VAL A 19 -34.04 1.41 2.72
CA VAL A 19 -35.16 2.30 2.43
C VAL A 19 -36.36 2.04 3.37
N THR A 20 -36.55 0.78 3.77
CA THR A 20 -37.60 0.44 4.72
C THR A 20 -37.31 1.15 6.05
N ILE A 21 -36.05 1.10 6.48
CA ILE A 21 -35.61 1.73 7.71
C ILE A 21 -35.78 3.24 7.66
N LEU A 22 -35.33 3.86 6.57
CA LEU A 22 -35.47 5.30 6.48
C LEU A 22 -36.96 5.68 6.52
N GLU A 23 -37.80 4.90 5.87
CA GLU A 23 -39.22 5.22 5.86
C GLU A 23 -39.83 5.16 7.26
N ASN A 24 -39.49 4.13 8.03
CA ASN A 24 -40.02 3.99 9.38
C ASN A 24 -39.52 5.11 10.27
N ASP A 25 -38.25 5.47 10.12
CA ASP A 25 -37.59 6.49 10.92
C ASP A 25 -37.89 7.95 10.58
N LEU A 26 -38.49 8.20 9.42
CA LEU A 26 -38.77 9.58 9.03
C LEU A 26 -39.78 10.25 9.97
N SER A 27 -39.38 11.36 10.58
CA SER A 27 -40.27 12.09 11.49
C SER A 27 -41.48 12.71 10.75
N SER A 28 -42.64 12.70 11.40
CA SER A 28 -43.88 13.24 10.83
C SER A 28 -43.80 14.72 10.39
N ASN A 29 -42.90 15.48 10.99
CA ASN A 29 -42.74 16.91 10.66
C ASN A 29 -41.73 17.19 9.52
N GLU A 30 -41.23 16.13 8.90
CA GLU A 30 -40.27 16.24 7.80
C GLU A 30 -41.02 16.80 6.57
N PRO A 31 -40.46 17.83 5.89
CA PRO A 31 -41.08 18.45 4.71
C PRO A 31 -41.62 17.45 3.71
N GLU A 32 -42.73 17.78 3.06
CA GLU A 32 -43.34 16.89 2.09
C GLU A 32 -42.36 16.45 0.98
N VAL A 33 -41.56 17.39 0.49
CA VAL A 33 -40.60 17.10 -0.58
C VAL A 33 -39.68 15.89 -0.30
N ILE A 34 -39.28 15.75 0.96
CA ILE A 34 -38.46 14.62 1.36
C ILE A 34 -39.18 13.29 1.12
N ARG A 35 -40.49 13.26 1.36
CA ARG A 35 -41.26 12.04 1.16
C ARG A 35 -41.54 11.75 -0.30
N ASN A 36 -41.69 12.79 -1.10
CA ASN A 36 -41.96 12.62 -2.52
C ASN A 36 -40.78 11.92 -3.21
N ASN A 37 -39.57 12.39 -2.91
CA ASN A 37 -38.36 11.79 -3.47
C ASN A 37 -38.13 10.38 -2.95
N LEU A 38 -38.52 10.13 -1.69
CA LEU A 38 -38.36 8.80 -1.12
C LEU A 38 -39.25 7.85 -1.91
N GLU A 39 -40.40 8.38 -2.31
CA GLU A 39 -41.37 7.57 -3.04
C GLU A 39 -40.87 7.20 -4.42
N ILE A 40 -40.19 8.13 -5.09
CA ILE A 40 -39.64 7.87 -6.41
C ILE A 40 -38.50 6.85 -6.28
N LEU A 41 -37.82 6.90 -5.14
CA LEU A 41 -36.74 5.96 -4.86
C LEU A 41 -37.35 4.56 -4.75
N LYS A 42 -38.48 4.44 -4.04
CA LYS A 42 -39.18 3.15 -3.87
C LYS A 42 -39.71 2.60 -5.19
N GLN A 43 -40.06 3.48 -6.11
CA GLN A 43 -40.56 3.07 -7.41
C GLN A 43 -39.42 2.39 -8.17
N ASN A 44 -38.20 2.87 -7.91
CA ASN A 44 -37.00 2.37 -8.56
C ASN A 44 -36.20 1.37 -7.73
N MET A 45 -36.88 0.62 -6.88
CA MET A 45 -36.23 -0.35 -6.02
C MET A 45 -35.39 -1.39 -6.74
N HIS A 46 -35.86 -1.87 -7.90
CA HIS A 46 -35.14 -2.87 -8.67
C HIS A 46 -33.76 -2.35 -9.10
N ASP A 47 -33.65 -1.09 -9.47
CA ASP A 47 -32.36 -0.55 -9.85
C ASP A 47 -31.45 -0.37 -8.64
N LEU A 48 -32.03 0.04 -7.50
CA LEU A 48 -31.25 0.20 -6.29
C LEU A 48 -30.64 -1.15 -5.97
N GLN A 49 -31.45 -2.19 -6.09
CA GLN A 49 -30.98 -3.55 -5.82
C GLN A 49 -29.86 -4.01 -6.78
N LEU A 50 -30.03 -3.73 -8.07
CA LEU A 50 -29.05 -4.13 -9.09
C LEU A 50 -27.74 -3.40 -8.83
N GLY A 51 -27.83 -2.11 -8.52
CA GLY A 51 -26.66 -1.31 -8.23
C GLY A 51 -25.91 -1.80 -7.00
N SER A 52 -26.64 -2.20 -5.96
CA SER A 52 -26.02 -2.65 -4.72
C SER A 52 -25.17 -3.92 -4.84
N THR A 53 -25.38 -4.70 -5.90
CA THR A 53 -24.58 -5.92 -6.10
C THR A 53 -23.65 -5.84 -7.31
N TYR A 54 -23.97 -4.98 -8.27
CA TYR A 54 -23.18 -4.88 -9.49
C TYR A 54 -21.65 -4.75 -9.42
N PRO A 55 -21.11 -3.86 -8.55
CA PRO A 55 -19.65 -3.74 -8.48
C PRO A 55 -18.88 -5.05 -8.32
N ASP A 56 -19.48 -6.10 -7.78
CA ASP A 56 -18.74 -7.37 -7.69
C ASP A 56 -18.68 -8.12 -9.02
N TYR A 57 -19.46 -7.68 -10.01
CA TYR A 57 -19.54 -8.30 -11.31
C TYR A 57 -19.12 -7.43 -12.47
N ASP A 58 -18.65 -6.22 -12.17
CA ASP A 58 -18.19 -5.28 -13.17
C ASP A 58 -16.81 -5.69 -13.74
N LYS A 59 -16.72 -5.90 -15.05
CA LYS A 59 -15.43 -6.23 -15.69
C LYS A 59 -14.71 -4.88 -15.73
N ASN A 60 -13.81 -4.67 -14.77
CA ASN A 60 -13.12 -3.40 -14.61
C ASN A 60 -11.60 -3.41 -14.81
N ALA A 61 -10.95 -2.43 -14.18
CA ALA A 61 -9.52 -2.32 -14.19
C ALA A 61 -8.96 -2.72 -12.79
N TYR A 62 -9.75 -3.44 -11.97
CA TYR A 62 -9.28 -3.92 -10.66
C TYR A 62 -9.31 -5.44 -10.55
N ASP A 63 -8.16 -6.02 -10.86
CA ASP A 63 -7.96 -7.46 -10.87
C ASP A 63 -8.12 -8.19 -9.54
N LEU A 64 -7.97 -7.47 -8.43
CA LEU A 64 -8.13 -8.11 -7.12
C LEU A 64 -9.14 -7.37 -6.23
N TYR A 65 -10.07 -6.64 -6.85
CA TYR A 65 -11.09 -5.89 -6.12
C TYR A 65 -10.53 -4.95 -5.05
N GLN A 66 -9.37 -4.37 -5.30
CA GLN A 66 -8.74 -3.50 -4.31
C GLN A 66 -9.67 -2.35 -3.85
N ASP A 67 -10.48 -1.84 -4.76
CA ASP A 67 -11.37 -0.75 -4.42
C ASP A 67 -12.54 -1.14 -3.50
N HIS A 68 -12.72 -2.43 -3.22
CA HIS A 68 -13.79 -2.88 -2.31
C HIS A 68 -13.27 -2.91 -0.86
N PHE A 69 -12.02 -2.47 -0.67
CA PHE A 69 -11.39 -2.44 0.64
C PHE A 69 -11.05 -1.02 1.06
N TRP A 70 -10.87 -0.83 2.36
CA TRP A 70 -10.53 0.47 2.93
C TRP A 70 -10.13 0.31 4.39
N ASP A 71 -8.97 0.82 4.76
CA ASP A 71 -8.50 0.79 6.12
C ASP A 71 -8.85 2.16 6.65
N PRO A 72 -9.80 2.25 7.59
CA PRO A 72 -10.23 3.53 8.19
C PRO A 72 -9.16 4.25 9.02
N ASP A 73 -8.06 3.57 9.33
CA ASP A 73 -6.97 4.18 10.09
C ASP A 73 -5.85 4.78 9.21
N THR A 74 -5.93 4.63 7.89
CA THR A 74 -4.89 5.19 7.04
C THR A 74 -5.24 6.61 6.65
N ASP A 75 -6.40 6.76 6.00
CA ASP A 75 -6.93 8.03 5.44
C ASP A 75 -6.86 9.30 6.26
N ASN A 76 -5.92 9.29 7.21
CA ASN A 76 -5.55 10.39 8.11
C ASN A 76 -4.78 9.91 9.34
N ASN A 77 -3.51 9.58 9.08
CA ASN A 77 -2.52 9.14 10.07
C ASN A 77 -1.54 10.34 10.12
N PHE A 78 -1.82 11.31 9.25
CA PHE A 78 -1.03 12.52 9.13
C PHE A 78 0.40 12.32 8.63
N THR A 79 0.49 11.42 7.65
CA THR A 79 1.72 11.09 6.94
C THR A 79 1.45 11.86 5.63
N LYS A 80 2.44 12.60 5.14
CA LYS A 80 2.28 13.39 3.92
C LYS A 80 1.98 12.54 2.68
N ASP A 81 1.24 13.11 1.74
CA ASP A 81 0.91 12.44 0.47
C ASP A 81 2.20 12.11 -0.27
N SER A 82 2.26 10.93 -0.87
CA SER A 82 3.43 10.52 -1.65
C SER A 82 3.58 11.47 -2.82
N LYS A 83 4.82 11.77 -3.18
CA LYS A 83 5.10 12.64 -4.30
C LYS A 83 4.59 12.08 -5.61
N TRP A 84 4.52 10.75 -5.77
CA TRP A 84 4.03 10.19 -7.03
C TRP A 84 2.57 10.56 -7.41
N TYR A 85 1.76 10.94 -6.42
CA TYR A 85 0.37 11.36 -6.62
C TYR A 85 0.30 12.56 -7.58
N LEU A 86 1.39 13.30 -7.71
CA LEU A 86 1.40 14.47 -8.58
C LEU A 86 1.58 14.19 -10.09
N SER A 87 1.99 12.97 -10.43
CA SER A 87 2.18 12.57 -11.84
C SER A 87 1.36 11.34 -12.25
N TYR A 88 0.78 10.63 -11.28
CA TYR A 88 0.00 9.43 -11.59
C TYR A 88 -1.35 9.39 -10.88
N SER A 89 -2.34 8.79 -11.54
CA SER A 89 -3.65 8.68 -10.92
C SER A 89 -3.57 7.78 -9.67
N ILE A 90 -4.46 8.00 -8.70
CA ILE A 90 -4.46 7.18 -7.49
C ILE A 90 -5.66 6.25 -7.48
N PRO A 91 -5.45 5.03 -7.00
CA PRO A 91 -6.52 4.02 -6.96
C PRO A 91 -7.64 4.34 -5.99
N ASP A 92 -8.80 3.80 -6.27
CA ASP A 92 -9.96 3.99 -5.41
C ASP A 92 -9.96 3.03 -4.24
N THR A 93 -10.70 3.40 -3.21
CA THR A 93 -10.91 2.61 -2.01
C THR A 93 -12.43 2.57 -1.84
N ALA A 94 -12.92 1.78 -0.88
CA ALA A 94 -14.37 1.72 -0.69
C ALA A 94 -14.91 3.09 -0.30
N GLU A 95 -14.10 3.87 0.42
CA GLU A 95 -14.52 5.19 0.83
C GLU A 95 -14.60 6.15 -0.35
N SER A 96 -13.59 6.16 -1.22
CA SER A 96 -13.63 7.06 -2.37
C SER A 96 -14.74 6.71 -3.36
N GLN A 97 -15.09 5.43 -3.43
CA GLN A 97 -16.13 4.99 -4.37
C GLN A 97 -17.51 5.51 -3.93
N ILE A 98 -17.74 5.62 -2.62
CA ILE A 98 -18.99 6.13 -2.08
C ILE A 98 -19.14 7.59 -2.60
N ARG A 99 -18.09 8.37 -2.48
CA ARG A 99 -18.17 9.74 -2.94
C ARG A 99 -18.39 9.80 -4.43
N LYS A 100 -17.71 8.94 -5.17
CA LYS A 100 -17.86 8.96 -6.60
C LYS A 100 -19.29 8.63 -7.06
N PHE A 101 -19.82 7.49 -6.65
CA PHE A 101 -21.18 7.15 -7.07
C PHE A 101 -22.26 8.08 -6.53
N SER A 102 -21.99 8.68 -5.37
CA SER A 102 -22.95 9.62 -4.78
C SER A 102 -23.07 10.86 -5.68
N ALA A 103 -21.92 11.41 -6.08
CA ALA A 103 -21.90 12.57 -6.97
C ALA A 103 -22.58 12.21 -8.30
N LEU A 104 -22.37 10.99 -8.81
CA LEU A 104 -23.03 10.59 -10.07
C LEU A 104 -24.54 10.44 -9.89
N ALA A 105 -24.97 10.00 -8.71
CA ALA A 105 -26.41 9.82 -8.44
C ALA A 105 -27.14 11.18 -8.31
N ARG A 106 -26.54 12.12 -7.58
CA ARG A 106 -27.13 13.44 -7.39
C ARG A 106 -27.25 14.15 -8.75
N TYR A 107 -26.24 13.98 -9.60
CA TYR A 107 -26.24 14.57 -10.93
C TYR A 107 -27.37 14.03 -11.82
N GLU A 108 -27.51 12.71 -11.86
CA GLU A 108 -28.57 12.11 -12.66
C GLU A 108 -29.98 12.39 -12.12
N TRP A 109 -30.09 12.53 -10.80
CA TRP A 109 -31.36 12.79 -10.15
C TRP A 109 -31.84 14.18 -10.56
N LYS A 110 -30.94 15.16 -10.50
CA LYS A 110 -31.28 16.51 -10.89
C LYS A 110 -31.67 16.62 -12.37
N ARG A 111 -31.12 15.74 -13.21
CA ARG A 111 -31.45 15.76 -14.64
C ARG A 111 -32.71 14.94 -14.90
N GLY A 112 -33.24 14.34 -13.85
CA GLY A 112 -34.46 13.56 -13.99
C GLY A 112 -34.34 12.11 -14.41
N ASN A 113 -33.12 11.56 -14.44
CA ASN A 113 -32.95 10.15 -14.81
C ASN A 113 -32.91 9.34 -13.52
N TYR A 114 -34.11 9.04 -13.03
CA TYR A 114 -34.32 8.33 -11.79
C TYR A 114 -33.77 6.90 -11.73
N LYS A 115 -33.94 6.12 -12.80
CA LYS A 115 -33.42 4.75 -12.85
C LYS A 115 -31.89 4.73 -12.72
N GLN A 116 -31.23 5.49 -13.57
CA GLN A 116 -29.78 5.52 -13.57
C GLN A 116 -29.25 6.10 -12.26
N ALA A 117 -29.93 7.12 -11.72
CA ALA A 117 -29.52 7.74 -10.47
C ALA A 117 -29.62 6.76 -9.30
N THR A 118 -30.71 6.02 -9.27
CA THR A 118 -30.94 5.05 -8.23
C THR A 118 -29.91 3.91 -8.35
N PHE A 119 -29.61 3.51 -9.58
CA PHE A 119 -28.61 2.47 -9.85
C PHE A 119 -27.27 2.95 -9.27
N TYR A 120 -26.90 4.19 -9.54
CA TYR A 120 -25.67 4.78 -9.01
C TYR A 120 -25.67 4.80 -7.46
N LEU A 121 -26.78 5.20 -6.85
CA LEU A 121 -26.91 5.25 -5.40
C LEU A 121 -26.70 3.84 -4.85
N GLY A 122 -27.23 2.86 -5.58
CA GLY A 122 -27.05 1.48 -5.15
C GLY A 122 -25.58 1.10 -5.12
N GLU A 123 -24.81 1.53 -6.13
CA GLU A 123 -23.40 1.19 -6.16
C GLU A 123 -22.68 1.88 -5.00
N ALA A 124 -23.10 3.10 -4.68
CA ALA A 124 -22.53 3.84 -3.57
C ALA A 124 -22.78 3.05 -2.26
N MET A 125 -23.97 2.48 -2.13
CA MET A 125 -24.31 1.71 -0.94
C MET A 125 -23.54 0.39 -0.89
N HIS A 126 -23.21 -0.15 -2.07
CA HIS A 126 -22.44 -1.37 -2.17
C HIS A 126 -21.07 -1.10 -1.53
N TYR A 127 -20.45 0.02 -1.89
CA TYR A 127 -19.15 0.31 -1.32
C TYR A 127 -19.22 0.68 0.17
N PHE A 128 -20.33 1.28 0.61
CA PHE A 128 -20.42 1.56 2.04
C PHE A 128 -20.55 0.22 2.78
N GLY A 129 -21.33 -0.68 2.20
CA GLY A 129 -21.50 -2.01 2.79
C GLY A 129 -20.13 -2.68 2.95
N ASP A 130 -19.26 -2.51 1.95
CA ASP A 130 -17.92 -3.09 2.05
C ASP A 130 -17.10 -2.46 3.13
N ALA A 131 -17.19 -1.14 3.23
CA ALA A 131 -16.49 -0.40 4.27
C ALA A 131 -16.96 -0.90 5.64
N ASP A 132 -18.18 -1.42 5.71
CA ASP A 132 -18.76 -1.94 6.96
C ASP A 132 -18.65 -3.46 7.10
N THR A 133 -17.89 -4.13 6.23
CA THR A 133 -17.69 -5.59 6.32
C THR A 133 -16.36 -5.78 7.06
N PRO A 134 -16.35 -6.51 8.20
CA PRO A 134 -15.12 -6.72 9.00
C PRO A 134 -13.82 -7.06 8.26
N TYR A 135 -13.85 -8.06 7.39
CA TYR A 135 -12.63 -8.42 6.68
C TYR A 135 -12.16 -7.31 5.72
N HIS A 136 -13.07 -6.56 5.14
CA HIS A 136 -12.69 -5.49 4.23
C HIS A 136 -12.06 -4.32 4.92
N ALA A 137 -12.60 -3.96 6.09
CA ALA A 137 -12.10 -2.83 6.86
C ALA A 137 -10.76 -3.14 7.51
N ALA A 138 -10.47 -4.43 7.68
CA ALA A 138 -9.21 -4.88 8.27
C ALA A 138 -8.22 -5.33 7.22
N ASN A 139 -8.63 -5.26 5.96
CA ASN A 139 -7.77 -5.67 4.88
C ASN A 139 -7.32 -7.10 4.89
N VAL A 140 -8.16 -8.00 5.38
CA VAL A 140 -7.82 -9.42 5.39
C VAL A 140 -8.50 -10.05 4.19
N THR A 141 -7.71 -10.34 3.15
CA THR A 141 -8.23 -10.92 1.92
C THR A 141 -8.43 -12.41 2.02
N ALA A 142 -8.89 -12.99 0.91
CA ALA A 142 -9.12 -14.42 0.76
C ALA A 142 -7.77 -15.12 0.79
N VAL A 143 -6.74 -14.45 0.29
CA VAL A 143 -5.36 -14.97 0.27
C VAL A 143 -4.79 -15.06 1.69
N ASP A 144 -5.03 -14.05 2.53
CA ASP A 144 -4.49 -14.08 3.88
C ASP A 144 -5.17 -15.10 4.79
N SER A 145 -6.45 -15.32 4.57
CA SER A 145 -7.19 -16.20 5.46
C SER A 145 -8.46 -16.76 4.87
N PRO A 146 -8.73 -18.04 5.15
CA PRO A 146 -9.94 -18.70 4.66
C PRO A 146 -11.17 -18.13 5.40
N GLY A 147 -10.91 -17.32 6.43
CA GLY A 147 -11.98 -16.72 7.21
C GLY A 147 -12.81 -15.72 6.44
N HIS A 148 -12.22 -15.15 5.39
CA HIS A 148 -12.91 -14.14 4.58
C HIS A 148 -14.16 -14.72 3.86
N VAL A 149 -13.97 -15.73 3.01
CA VAL A 149 -15.11 -16.34 2.31
C VAL A 149 -16.06 -17.03 3.29
N LYS A 150 -15.53 -17.68 4.33
CA LYS A 150 -16.38 -18.35 5.30
C LYS A 150 -17.29 -17.37 6.03
N PHE A 151 -16.74 -16.27 6.55
CA PHE A 151 -17.55 -15.30 7.28
C PHE A 151 -18.62 -14.71 6.37
N GLU A 152 -18.26 -14.42 5.13
CA GLU A 152 -19.21 -13.88 4.20
C GLU A 152 -20.32 -14.83 3.79
N THR A 153 -19.97 -16.10 3.65
CA THR A 153 -20.94 -17.16 3.31
C THR A 153 -21.86 -17.33 4.53
N PHE A 154 -21.25 -17.32 5.70
CA PHE A 154 -21.98 -17.44 6.96
C PHE A 154 -23.02 -16.30 7.10
N ALA A 155 -22.64 -15.08 6.72
CA ALA A 155 -23.54 -13.93 6.84
C ALA A 155 -24.64 -14.02 5.78
N GLU A 156 -24.26 -14.47 4.58
CA GLU A 156 -25.20 -14.62 3.49
C GLU A 156 -26.31 -15.64 3.83
N ASP A 157 -25.94 -16.78 4.40
CA ASP A 157 -26.95 -17.79 4.74
C ASP A 157 -27.89 -17.38 5.85
N ARG A 158 -27.50 -16.42 6.68
CA ARG A 158 -28.34 -15.97 7.77
C ARG A 158 -28.84 -14.54 7.60
N LYS A 159 -28.75 -14.02 6.38
CA LYS A 159 -29.17 -12.65 6.14
C LYS A 159 -30.55 -12.26 6.61
N ASP A 160 -31.52 -13.16 6.47
CA ASP A 160 -32.89 -12.88 6.90
C ASP A 160 -33.02 -12.60 8.40
N GLN A 161 -32.19 -13.25 9.22
CA GLN A 161 -32.23 -13.03 10.67
C GLN A 161 -31.53 -11.74 11.08
N TYR A 162 -30.68 -11.21 10.21
CA TYR A 162 -29.93 -10.00 10.52
C TYR A 162 -30.56 -8.70 10.09
N LYS A 163 -31.75 -8.79 9.50
CA LYS A 163 -32.50 -7.64 9.07
C LYS A 163 -33.00 -6.83 10.27
N ILE A 164 -32.99 -5.51 10.14
CA ILE A 164 -33.54 -4.63 11.19
C ILE A 164 -34.44 -3.65 10.47
N ASN A 165 -35.38 -3.01 11.16
CA ASN A 165 -36.24 -2.08 10.47
C ASN A 165 -36.33 -0.68 11.06
N THR A 166 -35.30 -0.30 11.82
CA THR A 166 -35.18 1.03 12.40
C THR A 166 -33.77 1.19 12.97
N THR A 167 -33.28 2.41 13.01
CA THR A 167 -31.95 2.61 13.59
C THR A 167 -32.12 2.75 15.10
N GLY A 168 -33.37 2.89 15.54
CA GLY A 168 -33.62 3.13 16.95
C GLY A 168 -33.86 4.63 17.13
N SER A 169 -33.64 5.41 16.07
CA SER A 169 -33.86 6.86 16.12
C SER A 169 -34.85 7.29 15.05
N LYS A 170 -35.38 8.50 15.19
CA LYS A 170 -36.28 9.06 14.20
C LYS A 170 -35.44 10.16 13.60
N THR A 171 -35.83 10.67 12.44
CA THR A 171 -35.01 11.72 11.82
C THR A 171 -34.76 12.96 12.66
N ASN A 172 -35.65 13.24 13.63
CA ASN A 172 -35.48 14.40 14.54
C ASN A 172 -34.31 14.19 15.51
N ASP A 173 -33.98 12.93 15.75
CA ASP A 173 -32.87 12.63 16.67
C ASP A 173 -31.46 12.92 16.12
N ALA A 174 -30.49 12.86 17.03
CA ALA A 174 -29.08 13.15 16.73
C ALA A 174 -28.46 12.38 15.57
N PHE A 175 -28.68 11.06 15.50
CA PHE A 175 -28.10 10.24 14.44
C PHE A 175 -28.35 10.81 13.04
N TYR A 176 -29.58 11.22 12.80
CA TYR A 176 -29.97 11.78 11.52
C TYR A 176 -29.72 13.26 11.37
N SER A 177 -30.00 14.04 12.40
CA SER A 177 -29.83 15.48 12.31
C SER A 177 -28.34 15.85 12.19
N ASN A 178 -27.46 15.02 12.76
CA ASN A 178 -26.02 15.26 12.66
C ASN A 178 -25.54 15.03 11.20
N ILE A 179 -26.39 14.40 10.39
CA ILE A 179 -26.08 14.12 8.99
C ILE A 179 -26.25 15.37 8.13
N LEU A 180 -27.08 16.31 8.56
CA LEU A 180 -27.30 17.51 7.80
C LEU A 180 -26.41 18.69 8.19
N THR A 181 -25.79 18.62 9.37
CA THR A 181 -24.92 19.66 9.89
C THR A 181 -23.79 20.14 8.97
N ASN A 182 -23.01 19.21 8.42
CA ASN A 182 -21.91 19.55 7.51
C ASN A 182 -22.44 19.73 6.08
N GLU A 183 -22.25 20.92 5.53
CA GLU A 183 -22.71 21.26 4.19
C GLU A 183 -21.90 20.50 3.12
N ASP A 184 -20.64 20.21 3.43
CA ASP A 184 -19.73 19.52 2.52
C ASP A 184 -19.91 17.98 2.55
N PHE A 185 -20.53 17.44 1.51
CA PHE A 185 -20.80 16.01 1.41
C PHE A 185 -19.56 15.11 1.59
N ASN A 186 -18.52 15.36 0.79
CA ASN A 186 -17.31 14.54 0.88
C ASN A 186 -16.73 14.41 2.27
N SER A 187 -16.57 15.52 2.98
CA SER A 187 -16.00 15.44 4.33
C SER A 187 -16.96 14.81 5.33
N TRP A 188 -18.27 15.00 5.15
CA TRP A 188 -19.22 14.37 6.06
C TRP A 188 -19.16 12.85 5.84
N SER A 189 -19.20 12.44 4.57
CA SER A 189 -19.17 11.04 4.18
C SER A 189 -17.95 10.29 4.68
N LYS A 190 -16.77 10.86 4.47
CA LYS A 190 -15.54 10.24 4.92
C LYS A 190 -15.57 9.92 6.43
N GLU A 191 -15.91 10.90 7.28
CA GLU A 191 -15.94 10.62 8.71
C GLU A 191 -17.14 9.76 9.12
N PHE A 192 -18.22 9.83 8.37
CA PHE A 192 -19.37 9.02 8.71
C PHE A 192 -19.02 7.55 8.45
N ALA A 193 -18.48 7.27 7.26
CA ALA A 193 -18.09 5.91 6.86
C ALA A 193 -16.96 5.41 7.76
N ARG A 194 -16.08 6.32 8.12
CA ARG A 194 -14.97 5.97 8.98
C ARG A 194 -15.37 5.42 10.35
N SER A 195 -16.33 6.03 11.03
CA SER A 195 -16.70 5.48 12.35
C SER A 195 -17.28 4.07 12.20
N PHE A 196 -18.11 3.86 11.18
CA PHE A 196 -18.69 2.54 10.92
C PHE A 196 -17.63 1.51 10.54
N ALA A 197 -16.67 1.92 9.72
CA ALA A 197 -15.63 1.00 9.27
C ALA A 197 -14.67 0.67 10.38
N LYS A 198 -14.40 1.62 11.27
CA LYS A 198 -13.49 1.36 12.38
C LYS A 198 -14.17 0.32 13.28
N THR A 199 -15.47 0.47 13.49
CA THR A 199 -16.22 -0.49 14.30
C THR A 199 -16.16 -1.89 13.65
N ALA A 200 -16.31 -1.94 12.34
CA ALA A 200 -16.24 -3.19 11.59
C ALA A 200 -14.83 -3.80 11.70
N LYS A 201 -13.81 -2.98 11.51
CA LYS A 201 -12.43 -3.46 11.64
C LYS A 201 -12.21 -4.01 13.04
N ASP A 202 -12.65 -3.32 14.09
CA ASP A 202 -12.48 -3.86 15.45
C ASP A 202 -13.15 -5.24 15.61
N LEU A 203 -14.30 -5.44 14.96
CA LEU A 203 -15.02 -6.71 15.02
C LEU A 203 -14.20 -7.83 14.36
N TYR A 204 -13.38 -7.51 13.36
CA TYR A 204 -12.55 -8.56 12.80
C TYR A 204 -11.58 -9.08 13.88
N TYR A 205 -10.96 -8.14 14.59
CA TYR A 205 -9.99 -8.47 15.63
C TYR A 205 -10.60 -9.09 16.87
N SER A 206 -11.83 -8.69 17.20
CA SER A 206 -12.46 -9.19 18.39
C SER A 206 -13.44 -10.36 18.27
N HIS A 207 -14.21 -10.44 17.19
CA HIS A 207 -15.21 -11.52 17.05
C HIS A 207 -15.28 -12.34 15.78
N ALA A 208 -14.81 -11.79 14.66
CA ALA A 208 -14.94 -12.46 13.37
C ALA A 208 -13.82 -13.25 12.79
N ASN A 209 -12.67 -13.27 13.45
CA ASN A 209 -11.55 -13.99 12.84
C ASN A 209 -11.59 -15.51 12.99
N MET A 210 -10.70 -16.20 12.30
CA MET A 210 -10.63 -17.65 12.37
C MET A 210 -10.31 -18.23 13.76
N SER A 211 -10.00 -17.40 14.75
CA SER A 211 -9.71 -17.95 16.07
C SER A 211 -10.91 -17.76 16.99
N CYS A 212 -12.02 -17.28 16.44
CA CYS A 212 -13.21 -17.07 17.26
C CYS A 212 -14.27 -18.18 17.12
N SER A 213 -15.19 -18.18 18.07
CA SER A 213 -16.26 -19.18 18.10
C SER A 213 -17.46 -18.84 17.21
N TRP A 214 -18.31 -19.83 16.96
CA TRP A 214 -19.53 -19.63 16.17
C TRP A 214 -20.43 -18.56 16.79
N ASP A 215 -20.48 -18.49 18.12
CA ASP A 215 -21.29 -17.45 18.74
C ASP A 215 -20.67 -16.06 18.52
N GLU A 216 -19.34 -15.98 18.45
CA GLU A 216 -18.67 -14.71 18.24
C GLU A 216 -18.94 -14.28 16.80
N TRP A 217 -18.93 -15.23 15.88
CA TRP A 217 -19.24 -14.92 14.50
C TRP A 217 -20.70 -14.42 14.39
N ASP A 218 -21.59 -15.03 15.16
CA ASP A 218 -23.00 -14.63 15.13
C ASP A 218 -23.16 -13.15 15.54
N TYR A 219 -22.46 -12.76 16.62
CA TYR A 219 -22.47 -11.38 17.13
C TYR A 219 -21.84 -10.40 16.12
N ALA A 220 -20.73 -10.81 15.51
CA ALA A 220 -20.05 -9.96 14.52
C ALA A 220 -20.98 -9.71 13.31
N ALA A 221 -21.62 -10.77 12.83
CA ALA A 221 -22.49 -10.62 11.67
C ALA A 221 -23.67 -9.75 12.03
N LYS A 222 -24.22 -9.96 13.22
CA LYS A 222 -25.37 -9.19 13.65
C LYS A 222 -25.07 -7.69 13.75
N VAL A 223 -23.95 -7.34 14.37
CA VAL A 223 -23.60 -5.93 14.57
C VAL A 223 -23.14 -5.30 13.26
N ALA A 224 -22.32 -6.01 12.50
CA ALA A 224 -21.85 -5.45 11.24
C ALA A 224 -22.99 -5.24 10.27
N LEU A 225 -23.94 -6.19 10.19
CA LEU A 225 -25.05 -6.01 9.26
C LEU A 225 -26.05 -4.95 9.72
N ALA A 226 -26.31 -4.89 11.02
CA ALA A 226 -27.23 -3.87 11.56
C ALA A 226 -26.57 -2.49 11.28
N ASN A 227 -25.27 -2.40 11.53
CA ASN A 227 -24.53 -1.16 11.28
C ASN A 227 -24.58 -0.81 9.80
N SER A 228 -24.40 -1.81 8.93
CA SER A 228 -24.48 -1.57 7.49
C SER A 228 -25.86 -1.01 7.11
N GLN A 229 -26.91 -1.51 7.78
CA GLN A 229 -28.28 -1.04 7.53
C GLN A 229 -28.50 0.40 8.03
N LYS A 230 -28.08 0.67 9.25
CA LYS A 230 -28.19 2.02 9.82
C LYS A 230 -27.45 3.04 8.97
N GLY A 231 -26.22 2.75 8.59
CA GLY A 231 -25.44 3.66 7.77
C GLY A 231 -26.05 3.89 6.40
N THR A 232 -26.59 2.84 5.80
CA THR A 232 -27.22 3.00 4.51
C THR A 232 -28.40 3.93 4.62
N SER A 233 -29.17 3.76 5.70
CA SER A 233 -30.35 4.60 5.90
C SER A 233 -29.87 6.04 6.03
N GLY A 234 -28.79 6.22 6.77
CA GLY A 234 -28.22 7.54 6.95
C GLY A 234 -27.89 8.15 5.60
N TYR A 235 -27.25 7.38 4.69
CA TYR A 235 -26.92 7.91 3.37
C TYR A 235 -28.14 8.28 2.57
N ILE A 236 -29.17 7.43 2.61
CA ILE A 236 -30.36 7.73 1.84
C ILE A 236 -30.99 9.04 2.33
N TYR A 237 -30.98 9.24 3.65
CA TYR A 237 -31.52 10.44 4.24
C TYR A 237 -30.74 11.65 3.72
N ARG A 238 -29.42 11.56 3.74
CA ARG A 238 -28.55 12.64 3.22
C ARG A 238 -28.85 12.90 1.74
N PHE A 239 -28.97 11.82 0.99
CA PHE A 239 -29.25 11.92 -0.43
C PHE A 239 -30.57 12.69 -0.67
N LEU A 240 -31.64 12.26 -0.01
CA LEU A 240 -32.94 12.93 -0.17
C LEU A 240 -32.86 14.42 0.14
N HIS A 241 -32.13 14.78 1.19
CA HIS A 241 -32.03 16.21 1.49
C HIS A 241 -31.20 16.98 0.48
N ASP A 242 -30.13 16.36 -0.03
CA ASP A 242 -29.27 17.00 -1.01
C ASP A 242 -29.96 17.29 -2.34
N VAL A 243 -30.75 16.34 -2.80
CA VAL A 243 -31.45 16.49 -4.06
C VAL A 243 -32.77 17.26 -3.92
N SER A 244 -33.13 17.61 -2.68
CA SER A 244 -34.39 18.33 -2.41
C SER A 244 -34.22 19.76 -1.94
N ASP A 245 -33.17 20.01 -1.15
CA ASP A 245 -32.91 21.31 -0.55
C ASP A 245 -32.16 22.38 -1.36
N GLY A 246 -32.09 22.19 -2.68
CA GLY A 246 -31.42 23.14 -3.59
C GLY A 246 -30.28 24.11 -3.23
N LYS A 247 -29.36 23.76 -2.32
CA LYS A 247 -28.26 24.70 -2.03
C LYS A 247 -26.98 24.41 -2.84
N ASP A 248 -26.49 25.45 -3.54
CA ASP A 248 -25.32 25.39 -4.43
C ASP A 248 -23.87 25.17 -3.94
N SER A 249 -23.69 24.73 -2.70
CA SER A 249 -22.36 24.41 -2.14
C SER A 249 -21.13 25.33 -2.29
N SER A 250 -21.30 26.54 -2.82
CA SER A 250 -20.18 27.49 -2.99
C SER A 250 -19.09 27.09 -4.01
N ALA A 251 -18.79 28.01 -4.93
CA ALA A 251 -17.75 27.78 -5.94
C ALA A 251 -16.42 28.34 -5.43
N ASN A 252 -16.36 28.60 -4.12
CA ASN A 252 -15.14 29.13 -3.49
C ASN A 252 -14.41 28.03 -2.71
N LYS A 253 -14.81 26.79 -2.94
CA LYS A 253 -14.20 25.65 -2.25
C LYS A 253 -12.90 25.19 -2.93
N ASN A 254 -11.83 25.03 -2.16
CA ASN A 254 -10.56 24.57 -2.73
C ASN A 254 -10.73 23.20 -3.42
N VAL A 255 -10.12 23.05 -4.58
CA VAL A 255 -10.19 21.77 -5.30
C VAL A 255 -8.88 21.02 -5.00
N ASN A 256 -8.95 20.02 -4.14
CA ASN A 256 -7.78 19.23 -3.79
C ASN A 256 -7.55 18.13 -4.86
N GLU A 257 -8.62 17.69 -5.50
CA GLU A 257 -8.48 16.66 -6.49
C GLU A 257 -9.65 16.59 -7.46
N LEU A 258 -9.37 16.03 -8.63
CA LEU A 258 -10.38 15.85 -9.65
C LEU A 258 -10.56 14.34 -9.87
N VAL A 259 -11.77 13.94 -10.20
CA VAL A 259 -12.02 12.56 -10.48
C VAL A 259 -12.65 12.47 -11.86
N ALA A 260 -12.10 11.61 -12.73
CA ALA A 260 -12.69 11.43 -14.05
C ALA A 260 -13.30 10.04 -14.15
N TYR A 261 -14.51 9.96 -14.70
CA TYR A 261 -15.21 8.68 -14.88
C TYR A 261 -15.25 8.54 -16.42
N ILE A 262 -14.39 7.69 -16.98
CA ILE A 262 -14.30 7.55 -18.42
C ILE A 262 -14.94 6.30 -19.00
N THR A 263 -15.86 6.47 -19.95
CA THR A 263 -16.51 5.33 -20.59
C THR A 263 -15.95 5.13 -22.00
N THR A 264 -15.31 4.00 -22.22
CA THR A 264 -14.76 3.71 -23.54
C THR A 264 -15.82 3.10 -24.43
N GLY A 265 -15.79 3.45 -25.71
CA GLY A 265 -16.77 2.93 -26.65
C GLY A 265 -16.83 1.41 -26.70
N GLY A 266 -17.94 0.87 -27.17
CA GLY A 266 -18.14 -0.57 -27.27
C GLY A 266 -17.76 -1.15 -28.63
N GLU A 267 -17.32 -0.31 -29.56
CA GLU A 267 -16.90 -0.78 -30.89
C GLU A 267 -15.66 -1.67 -30.72
N LYS A 268 -15.49 -2.64 -31.62
CA LYS A 268 -14.39 -3.60 -31.56
C LYS A 268 -12.99 -3.15 -31.11
N TYR A 269 -12.41 -2.19 -31.82
CA TYR A 269 -11.08 -1.72 -31.47
C TYR A 269 -11.09 -0.39 -30.68
N ALA A 270 -12.19 -0.10 -29.99
CA ALA A 270 -12.29 1.15 -29.25
C ALA A 270 -11.23 1.30 -28.14
N GLY A 271 -10.86 0.18 -27.50
CA GLY A 271 -9.87 0.23 -26.45
C GLY A 271 -8.44 0.41 -26.93
N THR A 272 -7.56 0.85 -26.05
CA THR A 272 -6.17 1.04 -26.40
C THR A 272 -5.21 0.63 -25.31
N ASP A 273 -4.00 0.22 -25.72
CA ASP A 273 -2.96 -0.16 -24.79
C ASP A 273 -1.88 0.92 -24.71
N ASP A 274 -2.05 2.02 -25.44
CA ASP A 274 -1.05 3.10 -25.41
C ASP A 274 -1.12 3.85 -24.08
N TYR A 275 -0.18 4.78 -23.89
CA TYR A 275 -0.17 5.59 -22.68
C TYR A 275 -1.27 6.64 -22.79
N MET A 276 -2.03 6.82 -21.71
CA MET A 276 -3.11 7.80 -21.67
C MET A 276 -2.89 8.76 -20.51
N TYR A 277 -3.01 10.06 -20.80
CA TYR A 277 -2.85 11.10 -19.80
C TYR A 277 -4.06 12.01 -19.69
N PHE A 278 -4.21 12.62 -18.53
CA PHE A 278 -5.27 13.56 -18.24
C PHE A 278 -4.50 14.80 -17.80
N GLY A 279 -4.91 15.97 -18.29
CA GLY A 279 -4.19 17.18 -17.90
C GLY A 279 -5.02 18.43 -17.77
N ILE A 280 -4.49 19.39 -17.04
CA ILE A 280 -5.19 20.66 -16.87
C ILE A 280 -4.28 21.87 -17.02
N LYS A 281 -4.92 23.01 -17.27
CA LYS A 281 -4.19 24.27 -17.42
C LYS A 281 -5.04 25.31 -16.71
N THR A 282 -4.41 26.05 -15.81
CA THR A 282 -5.12 27.09 -15.06
C THR A 282 -5.23 28.42 -15.82
N LYS A 283 -5.91 29.39 -15.22
CA LYS A 283 -6.05 30.72 -15.81
C LYS A 283 -4.66 31.35 -15.77
N ASP A 284 -3.93 31.08 -14.69
CA ASP A 284 -2.58 31.60 -14.48
C ASP A 284 -1.49 30.96 -15.33
N GLY A 285 -1.88 30.15 -16.31
CA GLY A 285 -0.92 29.51 -17.19
C GLY A 285 -0.21 28.25 -16.68
N GLN A 286 -0.43 27.87 -15.43
CA GLN A 286 0.19 26.66 -14.87
C GLN A 286 -0.55 25.41 -15.36
N THR A 287 0.21 24.36 -15.69
CA THR A 287 -0.39 23.10 -16.15
C THR A 287 0.06 21.92 -15.31
N GLN A 288 -0.76 20.86 -15.30
CA GLN A 288 -0.45 19.64 -14.59
C GLN A 288 -1.05 18.47 -15.38
N GLU A 289 -0.27 17.40 -15.52
CA GLU A 289 -0.68 16.23 -16.27
C GLU A 289 -0.39 14.93 -15.48
N TRP A 290 -1.30 13.97 -15.58
CA TRP A 290 -1.11 12.72 -14.88
C TRP A 290 -1.30 11.55 -15.81
N THR A 291 -0.55 10.48 -15.57
CA THR A 291 -0.68 9.23 -16.32
C THR A 291 -1.91 8.50 -15.74
N MET A 292 -2.83 8.04 -16.56
CA MET A 292 -3.99 7.32 -16.01
C MET A 292 -3.65 5.82 -15.98
N ASP A 293 -3.69 5.23 -14.79
CA ASP A 293 -3.37 3.81 -14.64
C ASP A 293 -3.87 3.23 -13.31
N ASN A 294 -4.71 2.21 -13.42
CA ASN A 294 -5.27 1.51 -12.28
C ASN A 294 -4.60 0.13 -12.21
N PRO A 295 -4.83 -0.66 -11.14
CA PRO A 295 -4.17 -1.97 -11.09
C PRO A 295 -4.40 -2.94 -12.25
N GLY A 296 -5.63 -3.05 -12.73
CA GLY A 296 -5.91 -3.96 -13.83
C GLY A 296 -5.65 -3.41 -15.22
N ASN A 297 -6.42 -3.86 -16.20
CA ASN A 297 -6.23 -3.39 -17.57
C ASN A 297 -7.15 -2.20 -17.88
N ASP A 298 -6.53 -1.04 -18.08
CA ASP A 298 -7.28 0.17 -18.36
C ASP A 298 -7.70 0.35 -19.82
N PHE A 299 -8.75 1.14 -20.00
CA PHE A 299 -9.22 1.48 -21.33
C PHE A 299 -9.49 0.29 -22.26
N MET A 300 -10.22 -0.70 -21.76
CA MET A 300 -10.60 -1.83 -22.60
C MET A 300 -11.92 -1.42 -23.26
N THR A 301 -12.28 -2.14 -24.31
CA THR A 301 -13.50 -1.86 -25.04
C THR A 301 -14.71 -1.94 -24.11
N GLY A 302 -15.57 -0.94 -24.18
CA GLY A 302 -16.77 -0.89 -23.36
C GLY A 302 -16.66 -0.65 -21.85
N SER A 303 -15.45 -0.52 -21.33
CA SER A 303 -15.28 -0.31 -19.89
C SER A 303 -15.60 1.09 -19.41
N GLN A 304 -15.74 1.20 -18.09
CA GLN A 304 -16.00 2.47 -17.41
C GLN A 304 -15.01 2.50 -16.25
N ASP A 305 -14.01 3.36 -16.36
CA ASP A 305 -12.97 3.46 -15.34
C ASP A 305 -12.96 4.78 -14.61
N THR A 306 -12.37 4.78 -13.42
CA THR A 306 -12.29 5.98 -12.62
C THR A 306 -10.83 6.35 -12.38
N TYR A 307 -10.54 7.64 -12.45
CA TYR A 307 -9.17 8.11 -12.22
C TYR A 307 -9.20 9.33 -11.33
N THR A 308 -8.36 9.31 -10.31
CA THR A 308 -8.31 10.40 -9.34
C THR A 308 -7.01 11.15 -9.46
N PHE A 309 -7.10 12.48 -9.54
CA PHE A 309 -5.91 13.28 -9.69
C PHE A 309 -5.70 14.30 -8.56
N LYS A 310 -4.57 14.21 -7.88
CA LYS A 310 -4.26 15.16 -6.80
C LYS A 310 -3.58 16.40 -7.39
N LEU A 311 -4.15 17.57 -7.12
CA LEU A 311 -3.58 18.81 -7.64
C LEU A 311 -2.36 19.25 -6.86
N LYS A 312 -1.34 19.74 -7.57
CA LYS A 312 -0.12 20.22 -6.93
C LYS A 312 -0.39 21.51 -6.13
N ASP A 313 -1.29 22.33 -6.66
CA ASP A 313 -1.68 23.60 -6.05
C ASP A 313 -2.97 23.39 -5.26
N LYS A 314 -2.89 23.55 -3.94
CA LYS A 314 -4.07 23.35 -3.11
C LYS A 314 -4.88 24.60 -2.73
N ASN A 315 -4.80 25.64 -3.57
CA ASN A 315 -5.57 26.87 -3.33
C ASN A 315 -6.36 27.27 -4.55
N LEU A 316 -6.60 26.33 -5.46
CA LEU A 316 -7.35 26.59 -6.69
C LEU A 316 -8.83 26.37 -6.49
N LYS A 317 -9.64 27.06 -7.27
CA LYS A 317 -11.10 26.94 -7.24
C LYS A 317 -11.46 26.33 -8.59
N ILE A 318 -12.64 25.75 -8.70
CA ILE A 318 -13.01 25.09 -9.95
C ILE A 318 -12.91 26.01 -11.16
N ASP A 319 -13.20 27.30 -10.97
CA ASP A 319 -13.17 28.26 -12.07
C ASP A 319 -11.77 28.59 -12.56
N ASP A 320 -10.76 28.40 -11.70
CA ASP A 320 -9.38 28.67 -12.09
C ASP A 320 -8.86 27.68 -13.11
N ILE A 321 -9.54 26.54 -13.24
CA ILE A 321 -9.12 25.52 -14.18
C ILE A 321 -9.74 25.81 -15.52
N GLN A 322 -8.96 26.42 -16.40
CA GLN A 322 -9.40 26.79 -17.74
C GLN A 322 -9.56 25.64 -18.73
N ASN A 323 -8.53 24.82 -18.89
CA ASN A 323 -8.61 23.71 -19.83
C ASN A 323 -8.40 22.36 -19.18
N MET A 324 -8.97 21.35 -19.78
CA MET A 324 -8.80 19.98 -19.32
C MET A 324 -8.71 19.19 -20.60
N TRP A 325 -7.89 18.12 -20.57
CA TRP A 325 -7.74 17.28 -21.75
C TRP A 325 -7.28 15.87 -21.40
N ILE A 326 -7.37 14.97 -22.39
CA ILE A 326 -6.83 13.65 -22.27
C ILE A 326 -5.86 13.58 -23.45
N ARG A 327 -4.81 12.78 -23.32
CA ARG A 327 -3.81 12.67 -24.38
C ARG A 327 -3.28 11.26 -24.53
N LYS A 328 -3.14 10.82 -25.77
CA LYS A 328 -2.64 9.51 -26.05
C LYS A 328 -1.21 9.57 -26.53
N SER A 329 -0.39 8.63 -26.06
CA SER A 329 1.00 8.53 -26.48
C SER A 329 1.31 7.11 -26.90
N LYS A 330 1.89 6.98 -28.08
CA LYS A 330 2.25 5.67 -28.64
C LYS A 330 3.76 5.42 -28.49
N TYR A 331 4.14 4.15 -28.59
CA TYR A 331 5.54 3.76 -28.53
C TYR A 331 5.96 3.10 -29.86
N THR A 332 4.97 2.56 -30.59
CA THR A 332 5.20 1.93 -31.90
C THR A 332 5.00 2.98 -33.01
N GLU A 333 5.16 2.56 -34.27
CA GLU A 333 5.02 3.49 -35.39
C GLU A 333 3.66 4.19 -35.53
N PHE A 334 2.58 3.41 -35.43
CA PHE A 334 1.24 3.96 -35.55
C PHE A 334 0.43 3.90 -34.24
N GLY A 335 0.88 3.05 -33.32
CA GLY A 335 0.22 2.92 -32.03
C GLY A 335 -1.07 2.15 -32.04
N ASP A 336 -1.92 2.50 -31.07
CA ASP A 336 -3.22 1.85 -30.88
C ASP A 336 -4.32 2.90 -30.73
N ASP A 337 -5.18 2.99 -31.76
CA ASP A 337 -6.29 3.94 -31.78
C ASP A 337 -7.27 3.72 -30.63
N TYR A 338 -7.75 4.84 -30.10
CA TYR A 338 -8.68 4.86 -28.98
C TYR A 338 -9.96 5.65 -29.25
N LYS A 339 -11.08 5.07 -28.87
CA LYS A 339 -12.37 5.75 -29.07
C LYS A 339 -13.18 5.84 -27.77
N PRO A 340 -13.05 6.95 -27.05
CA PRO A 340 -13.81 7.10 -25.81
C PRO A 340 -15.24 7.55 -26.15
N ALA A 341 -16.22 7.07 -25.40
CA ALA A 341 -17.62 7.42 -25.63
C ALA A 341 -18.03 8.65 -24.81
N ASN A 342 -17.62 8.69 -23.54
CA ASN A 342 -18.02 9.78 -22.68
C ASN A 342 -17.09 10.00 -21.51
N ILE A 343 -16.89 11.25 -21.13
CA ILE A 343 -16.08 11.51 -19.95
C ILE A 343 -16.75 12.50 -19.01
N LYS A 344 -16.73 12.18 -17.71
CA LYS A 344 -17.28 13.06 -16.69
C LYS A 344 -16.20 13.40 -15.70
N VAL A 345 -16.13 14.68 -15.34
CA VAL A 345 -15.17 15.14 -14.37
C VAL A 345 -15.95 15.61 -13.15
N ILE A 346 -15.53 15.14 -11.98
CA ILE A 346 -16.17 15.48 -10.72
C ILE A 346 -15.20 16.28 -9.85
N ALA A 347 -15.72 17.27 -9.13
CA ALA A 347 -14.90 18.12 -8.27
C ALA A 347 -15.75 18.47 -7.07
N ASN A 348 -15.24 18.22 -5.88
CA ASN A 348 -15.95 18.54 -4.63
C ASN A 348 -17.40 18.05 -4.53
N GLY A 349 -17.66 16.85 -5.01
CA GLY A 349 -19.01 16.34 -4.90
C GLY A 349 -19.90 16.61 -6.08
N ASN A 350 -19.50 17.47 -7.02
CA ASN A 350 -20.34 17.75 -8.18
C ASN A 350 -19.68 17.40 -9.50
N VAL A 351 -20.49 16.87 -10.42
CA VAL A 351 -19.94 16.59 -11.73
C VAL A 351 -19.98 17.92 -12.46
N VAL A 352 -18.79 18.50 -12.59
CA VAL A 352 -18.63 19.79 -13.25
C VAL A 352 -18.51 19.67 -14.77
N LEU A 353 -18.54 18.45 -15.30
CA LEU A 353 -18.41 18.29 -16.73
C LEU A 353 -18.87 16.92 -17.20
N ASN A 354 -19.59 16.90 -18.30
CA ASN A 354 -20.12 15.66 -18.85
C ASN A 354 -20.07 15.79 -20.36
N LYS A 355 -19.06 15.17 -20.97
CA LYS A 355 -18.86 15.28 -22.40
C LYS A 355 -18.88 14.02 -23.23
N ASP A 356 -19.85 13.97 -24.14
CA ASP A 356 -19.95 12.85 -25.05
C ASP A 356 -18.84 13.06 -26.10
N ILE A 357 -18.16 11.99 -26.47
CA ILE A 357 -17.09 12.12 -27.46
C ILE A 357 -17.36 11.30 -28.70
N ASN A 358 -17.28 9.97 -28.59
CA ASN A 358 -17.54 9.10 -29.73
C ASN A 358 -16.78 9.57 -30.99
N GLU A 359 -15.48 9.67 -30.87
CA GLU A 359 -14.63 10.14 -31.96
C GLU A 359 -13.27 9.47 -31.72
N TRP A 360 -12.59 9.01 -32.79
CA TRP A 360 -11.28 8.36 -32.61
C TRP A 360 -10.14 9.33 -32.29
N ILE A 361 -9.19 8.83 -31.49
CA ILE A 361 -7.98 9.56 -31.09
C ILE A 361 -6.82 8.70 -31.65
N SER A 362 -5.92 9.32 -32.42
CA SER A 362 -4.86 8.59 -33.09
C SER A 362 -3.46 9.10 -32.85
N GLY A 363 -2.51 8.17 -32.88
CA GLY A 363 -1.11 8.52 -32.68
C GLY A 363 -0.90 9.24 -31.38
N ASN A 364 -0.03 10.24 -31.40
CA ASN A 364 0.25 11.04 -30.23
C ASN A 364 -0.69 12.20 -30.46
N SER A 365 -1.75 12.25 -29.67
CA SER A 365 -2.74 13.29 -29.89
C SER A 365 -3.38 13.74 -28.60
N THR A 366 -3.70 15.04 -28.55
CA THR A 366 -4.35 15.66 -27.40
C THR A 366 -5.78 16.07 -27.75
N TYR A 367 -6.75 15.57 -26.98
CA TYR A 367 -8.17 15.87 -27.18
C TYR A 367 -8.69 16.71 -26.01
N ASN A 368 -9.08 17.95 -26.28
CA ASN A 368 -9.59 18.85 -25.23
C ASN A 368 -11.01 18.50 -24.84
N ILE A 369 -11.30 18.54 -23.55
CA ILE A 369 -12.67 18.26 -23.09
C ILE A 369 -13.27 19.53 -22.50
N LYS A 370 -12.40 20.49 -22.17
CA LYS A 370 -12.81 21.79 -21.64
C LYS A 370 -11.76 22.83 -22.04
N TRP B 1 10.20 -8.09 16.39
CA TRP B 1 10.72 -8.39 17.77
C TRP B 1 11.25 -7.14 18.48
N ASP B 2 11.15 -7.09 19.81
CA ASP B 2 11.69 -5.96 20.56
C ASP B 2 13.22 -6.03 20.56
N GLY B 3 13.85 -4.89 20.83
CA GLY B 3 15.29 -4.80 20.89
C GLY B 3 15.63 -3.48 21.54
N LYS B 4 16.87 -3.35 22.03
CA LYS B 4 17.33 -2.12 22.68
C LYS B 4 18.62 -1.59 22.06
N ALA B 5 18.73 -0.26 22.03
CA ALA B 5 19.88 0.43 21.42
C ALA B 5 21.24 -0.04 21.91
N ASP B 6 21.33 -0.50 23.15
CA ASP B 6 22.62 -0.97 23.66
C ASP B 6 23.01 -2.37 23.16
N GLY B 7 22.24 -2.87 22.20
CA GLY B 7 22.52 -4.18 21.64
C GLY B 7 22.01 -5.35 22.49
N THR B 8 20.93 -5.16 23.25
CA THR B 8 20.35 -6.26 24.03
C THR B 8 18.86 -6.42 23.65
N GLY B 9 18.23 -7.46 24.16
CA GLY B 9 16.83 -7.73 23.86
C GLY B 9 16.65 -8.89 22.89
N THR B 10 15.40 -9.18 22.51
CA THR B 10 15.10 -10.29 21.61
C THR B 10 15.96 -10.41 20.36
N HIS B 11 16.12 -9.31 19.62
CA HIS B 11 16.96 -9.32 18.42
C HIS B 11 18.41 -9.72 18.68
N ALA B 12 18.94 -9.27 19.80
CA ALA B 12 20.34 -9.55 20.17
C ALA B 12 20.46 -11.05 20.47
N MET B 13 19.47 -11.58 21.18
CA MET B 13 19.44 -13.01 21.51
C MET B 13 19.47 -13.80 20.22
N ILE B 14 18.57 -13.46 19.29
CA ILE B 14 18.52 -14.16 18.02
C ILE B 14 19.84 -14.13 17.28
N ALA B 15 20.47 -12.95 17.22
CA ALA B 15 21.76 -12.81 16.51
C ALA B 15 22.90 -13.60 17.16
N THR B 16 22.97 -13.49 18.48
CA THR B 16 23.98 -14.17 19.29
C THR B 16 23.77 -15.69 19.17
N GLN B 17 22.53 -16.15 19.35
CA GLN B 17 22.24 -17.57 19.22
C GLN B 17 22.56 -18.06 17.80
N GLY B 18 22.43 -17.18 16.82
CA GLY B 18 22.72 -17.57 15.46
C GLY B 18 24.16 -18.02 15.22
N VAL B 19 25.10 -17.34 15.88
CA VAL B 19 26.54 -17.68 15.72
C VAL B 19 26.84 -18.98 16.49
N THR B 20 26.27 -19.10 17.68
CA THR B 20 26.42 -20.29 18.52
C THR B 20 25.92 -21.52 17.77
N ILE B 21 24.72 -21.39 17.21
CA ILE B 21 24.10 -22.43 16.41
C ILE B 21 24.97 -22.83 15.23
N LEU B 22 25.42 -21.87 14.43
CA LEU B 22 26.24 -22.20 13.27
C LEU B 22 27.55 -22.80 13.71
N GLU B 23 28.00 -22.45 14.91
CA GLU B 23 29.26 -23.00 15.39
C GLU B 23 29.07 -24.50 15.71
N ASN B 24 27.98 -24.84 16.40
CA ASN B 24 27.68 -26.24 16.74
C ASN B 24 27.37 -27.07 15.50
N ASP B 25 26.67 -26.47 14.54
CA ASP B 25 26.26 -27.16 13.31
C ASP B 25 27.34 -27.29 12.22
N LEU B 26 28.43 -26.55 12.35
CA LEU B 26 29.50 -26.59 11.34
C LEU B 26 30.14 -27.97 11.20
N SER B 27 30.02 -28.58 10.03
CA SER B 27 30.57 -29.91 9.81
C SER B 27 32.10 -29.92 9.86
N SER B 28 32.66 -31.04 10.33
CA SER B 28 34.11 -31.22 10.46
C SER B 28 34.88 -31.07 9.15
N ASN B 29 34.25 -31.43 8.04
CA ASN B 29 34.91 -31.33 6.73
C ASN B 29 34.74 -29.98 6.03
N GLU B 30 34.29 -28.99 6.77
CA GLU B 30 34.08 -27.63 6.24
C GLU B 30 35.48 -27.02 6.10
N PRO B 31 35.78 -26.35 4.96
CA PRO B 31 37.08 -25.73 4.71
C PRO B 31 37.53 -24.78 5.82
N GLU B 32 38.84 -24.72 6.04
CA GLU B 32 39.42 -23.88 7.08
C GLU B 32 39.03 -22.40 6.96
N VAL B 33 38.94 -21.90 5.73
CA VAL B 33 38.60 -20.50 5.48
C VAL B 33 37.26 -20.13 6.17
N ILE B 34 36.28 -21.03 6.10
CA ILE B 34 34.99 -20.79 6.74
C ILE B 34 35.13 -20.64 8.25
N ARG B 35 35.98 -21.45 8.87
CA ARG B 35 36.17 -21.35 10.32
C ARG B 35 36.95 -20.09 10.67
N ASN B 36 37.87 -19.70 9.80
CA ASN B 36 38.67 -18.49 10.04
C ASN B 36 37.75 -17.27 10.08
N ASN B 37 36.91 -17.15 9.06
CA ASN B 37 35.97 -16.04 9.00
C ASN B 37 34.93 -16.09 10.13
N LEU B 38 34.55 -17.29 10.58
CA LEU B 38 33.61 -17.39 11.69
C LEU B 38 34.31 -16.84 12.93
N GLU B 39 35.61 -17.09 13.02
CA GLU B 39 36.40 -16.59 14.15
C GLU B 39 36.42 -15.07 14.16
N ILE B 40 36.60 -14.46 13.00
CA ILE B 40 36.61 -13.01 12.90
C ILE B 40 35.23 -12.49 13.33
N LEU B 41 34.18 -13.13 12.82
CA LEU B 41 32.82 -12.75 13.18
C LEU B 41 32.63 -12.82 14.70
N LYS B 42 33.14 -13.89 15.31
CA LYS B 42 33.03 -14.06 16.76
C LYS B 42 33.70 -12.93 17.52
N GLN B 43 34.79 -12.40 16.96
CA GLN B 43 35.49 -11.29 17.60
C GLN B 43 34.68 -9.99 17.55
N ASN B 44 33.77 -9.88 16.59
CA ASN B 44 32.95 -8.69 16.46
C ASN B 44 31.52 -8.80 16.96
N MET B 45 31.32 -9.76 17.86
CA MET B 45 30.05 -10.05 18.47
C MET B 45 29.35 -8.78 18.99
N HIS B 46 30.13 -7.82 19.45
CA HIS B 46 29.52 -6.60 19.97
C HIS B 46 28.88 -5.79 18.83
N ASP B 47 29.54 -5.73 17.67
CA ASP B 47 28.98 -5.00 16.55
C ASP B 47 27.78 -5.74 15.94
N LEU B 48 27.79 -7.07 16.00
CA LEU B 48 26.69 -7.88 15.49
C LEU B 48 25.48 -7.60 16.38
N GLN B 49 25.68 -7.56 17.68
CA GLN B 49 24.55 -7.27 18.58
C GLN B 49 24.01 -5.86 18.36
N LEU B 50 24.88 -4.85 18.34
CA LEU B 50 24.46 -3.48 18.11
C LEU B 50 23.65 -3.37 16.81
N GLY B 51 24.19 -3.94 15.73
CA GLY B 51 23.51 -3.91 14.47
C GLY B 51 22.17 -4.65 14.49
N SER B 52 22.05 -5.68 15.32
CA SER B 52 20.82 -6.45 15.37
C SER B 52 19.65 -5.67 15.98
N THR B 53 19.97 -4.59 16.69
CA THR B 53 18.91 -3.77 17.31
C THR B 53 18.79 -2.35 16.74
N TYR B 54 19.84 -1.87 16.09
CA TYR B 54 19.86 -0.51 15.56
C TYR B 54 18.70 -0.01 14.69
N PRO B 55 18.22 -0.82 13.71
CA PRO B 55 17.12 -0.37 12.83
C PRO B 55 15.89 0.18 13.55
N ASP B 56 15.63 -0.25 14.78
CA ASP B 56 14.50 0.25 15.55
C ASP B 56 14.76 1.62 16.16
N TYR B 57 16.01 2.07 16.05
CA TYR B 57 16.42 3.36 16.61
C TYR B 57 17.01 4.31 15.60
N ASP B 58 17.17 3.85 14.36
CA ASP B 58 17.72 4.63 13.27
C ASP B 58 16.66 5.63 12.78
N LYS B 59 16.84 6.91 13.11
CA LYS B 59 15.88 7.93 12.68
C LYS B 59 16.12 8.34 11.24
N ASN B 60 15.19 7.98 10.37
CA ASN B 60 15.31 8.35 8.98
C ASN B 60 13.95 8.60 8.34
N ALA B 61 13.84 8.38 7.03
CA ALA B 61 12.60 8.63 6.33
C ALA B 61 11.43 7.64 6.54
N TYR B 62 11.59 6.64 7.41
CA TYR B 62 10.48 5.74 7.69
C TYR B 62 9.90 6.12 9.03
N ASP B 63 8.81 6.86 9.00
CA ASP B 63 8.15 7.35 10.21
C ASP B 63 7.40 6.31 11.03
N LEU B 64 6.80 5.32 10.38
CA LEU B 64 6.05 4.29 11.08
C LEU B 64 6.66 2.87 10.93
N TYR B 65 7.98 2.81 10.80
CA TYR B 65 8.73 1.56 10.64
C TYR B 65 8.15 0.70 9.53
N GLN B 66 7.63 1.32 8.49
CA GLN B 66 7.02 0.58 7.38
C GLN B 66 7.96 -0.47 6.82
N ASP B 67 9.25 -0.16 6.74
CA ASP B 67 10.19 -1.14 6.18
C ASP B 67 10.49 -2.35 7.08
N HIS B 68 9.95 -2.38 8.29
CA HIS B 68 10.18 -3.56 9.15
C HIS B 68 9.10 -4.63 8.89
N PHE B 69 8.21 -4.36 7.94
CA PHE B 69 7.15 -5.29 7.59
C PHE B 69 7.32 -5.87 6.20
N TRP B 70 6.69 -7.02 5.99
CA TRP B 70 6.71 -7.69 4.69
C TRP B 70 5.65 -8.78 4.61
N ASP B 71 4.81 -8.66 3.59
CA ASP B 71 3.77 -9.64 3.31
C ASP B 71 4.38 -10.62 2.33
N PRO B 72 4.68 -11.83 2.82
CA PRO B 72 5.29 -12.93 2.04
C PRO B 72 4.44 -13.39 0.84
N ASP B 73 3.14 -13.13 0.88
CA ASP B 73 2.25 -13.52 -0.23
C ASP B 73 2.15 -12.48 -1.32
N THR B 74 2.82 -11.36 -1.13
CA THR B 74 2.76 -10.30 -2.11
C THR B 74 3.76 -10.45 -3.23
N ASP B 75 5.06 -10.42 -2.88
CA ASP B 75 6.15 -10.50 -3.86
C ASP B 75 6.03 -11.61 -4.90
N ASN B 76 5.07 -12.53 -4.68
CA ASN B 76 4.84 -13.62 -5.62
C ASN B 76 3.37 -13.94 -5.90
N ASN B 77 2.47 -12.99 -5.64
CA ASN B 77 1.05 -13.21 -5.99
C ASN B 77 0.98 -12.61 -7.42
N PHE B 78 2.15 -12.65 -8.06
CA PHE B 78 2.44 -12.13 -9.40
C PHE B 78 1.74 -10.82 -9.76
N THR B 79 2.47 -9.78 -9.38
CA THR B 79 2.09 -8.39 -9.54
C THR B 79 2.47 -7.80 -10.90
N LYS B 80 1.61 -6.89 -11.37
CA LYS B 80 1.77 -6.16 -12.62
C LYS B 80 2.25 -4.77 -12.18
N ASP B 81 3.58 -4.60 -12.10
CA ASP B 81 4.26 -3.37 -11.66
C ASP B 81 3.51 -2.06 -11.96
N SER B 82 3.33 -1.24 -10.92
CA SER B 82 2.64 0.05 -11.05
C SER B 82 3.45 0.94 -11.97
N LYS B 83 2.76 1.68 -12.82
CA LYS B 83 3.42 2.58 -13.75
C LYS B 83 4.27 3.65 -13.03
N TRP B 84 3.92 4.02 -11.79
CA TRP B 84 4.70 5.05 -11.10
C TRP B 84 6.13 4.67 -10.75
N TYR B 85 6.44 3.37 -10.73
CA TYR B 85 7.78 2.88 -10.44
C TYR B 85 8.78 3.45 -11.47
N LEU B 86 8.29 3.82 -12.65
CA LEU B 86 9.17 4.34 -13.68
C LEU B 86 9.79 5.71 -13.43
N SER B 87 9.18 6.50 -12.55
CA SER B 87 9.72 7.82 -12.30
C SER B 87 9.84 8.19 -10.82
N TYR B 88 9.50 7.27 -9.93
CA TYR B 88 9.61 7.51 -8.49
C TYR B 88 10.24 6.32 -7.79
N SER B 89 11.00 6.58 -6.74
CA SER B 89 11.62 5.50 -5.97
C SER B 89 10.58 4.60 -5.29
N ILE B 90 10.90 3.32 -5.08
CA ILE B 90 9.93 2.48 -4.42
C ILE B 90 10.36 2.21 -3.00
N PRO B 91 9.41 2.00 -2.11
CA PRO B 91 9.80 1.76 -0.72
C PRO B 91 10.39 0.37 -0.44
N ASP B 92 11.05 0.27 0.71
CA ASP B 92 11.66 -0.97 1.16
C ASP B 92 10.74 -1.77 2.08
N THR B 93 11.05 -3.05 2.18
CA THR B 93 10.32 -3.98 3.04
C THR B 93 11.37 -4.73 3.86
N ALA B 94 10.94 -5.57 4.80
CA ALA B 94 11.90 -6.36 5.59
C ALA B 94 12.75 -7.25 4.65
N GLU B 95 12.13 -7.75 3.58
CA GLU B 95 12.85 -8.61 2.66
C GLU B 95 13.88 -7.83 1.83
N SER B 96 13.54 -6.61 1.39
CA SER B 96 14.52 -5.86 0.62
C SER B 96 15.65 -5.36 1.51
N GLN B 97 15.35 -5.06 2.77
CA GLN B 97 16.39 -4.58 3.69
C GLN B 97 17.46 -5.66 3.96
N ILE B 98 17.05 -6.92 3.98
CA ILE B 98 17.98 -8.02 4.19
C ILE B 98 18.96 -7.96 3.01
N ARG B 99 18.40 -7.78 1.82
CA ARG B 99 19.26 -7.70 0.64
C ARG B 99 20.21 -6.51 0.66
N LYS B 100 19.70 -5.33 1.00
CA LYS B 100 20.52 -4.12 1.02
C LYS B 100 21.70 -4.26 1.99
N PHE B 101 21.39 -4.57 3.25
CA PHE B 101 22.41 -4.72 4.27
C PHE B 101 23.37 -5.89 4.06
N SER B 102 22.90 -6.92 3.36
CA SER B 102 23.74 -8.08 3.07
C SER B 102 24.84 -7.67 2.11
N ALA B 103 24.46 -6.95 1.05
CA ALA B 103 25.41 -6.45 0.07
C ALA B 103 26.39 -5.48 0.74
N LEU B 104 25.89 -4.66 1.67
CA LEU B 104 26.77 -3.71 2.36
C LEU B 104 27.74 -4.45 3.22
N ALA B 105 27.27 -5.54 3.85
CA ALA B 105 28.10 -6.38 4.71
C ALA B 105 29.24 -7.05 3.94
N ARG B 106 28.93 -7.72 2.83
CA ARG B 106 29.96 -8.40 2.06
C ARG B 106 31.01 -7.41 1.55
N TYR B 107 30.53 -6.26 1.07
CA TYR B 107 31.42 -5.22 0.55
C TYR B 107 32.49 -4.77 1.56
N GLU B 108 32.06 -4.46 2.79
CA GLU B 108 32.97 -4.01 3.82
C GLU B 108 33.91 -5.13 4.30
N TRP B 109 33.43 -6.37 4.24
CA TRP B 109 34.23 -7.51 4.66
C TRP B 109 35.46 -7.62 3.75
N LYS B 110 35.20 -7.65 2.46
CA LYS B 110 36.25 -7.75 1.46
C LYS B 110 37.32 -6.65 1.67
N ARG B 111 36.87 -5.43 1.98
CA ARG B 111 37.77 -4.31 2.21
C ARG B 111 38.56 -4.41 3.51
N GLY B 112 38.15 -5.34 4.37
CA GLY B 112 38.84 -5.53 5.65
C GLY B 112 38.25 -4.78 6.82
N ASN B 113 37.15 -4.08 6.61
CA ASN B 113 36.50 -3.32 7.69
C ASN B 113 35.49 -4.24 8.39
N TYR B 114 36.04 -5.16 9.18
CA TYR B 114 35.26 -6.17 9.89
C TYR B 114 34.22 -5.66 10.87
N LYS B 115 34.53 -4.57 11.56
CA LYS B 115 33.61 -3.99 12.53
C LYS B 115 32.38 -3.44 11.83
N GLN B 116 32.61 -2.75 10.71
CA GLN B 116 31.51 -2.15 9.97
C GLN B 116 30.69 -3.24 9.30
N ALA B 117 31.39 -4.20 8.69
CA ALA B 117 30.74 -5.30 7.99
C ALA B 117 29.83 -6.08 8.93
N THR B 118 30.36 -6.43 10.10
CA THR B 118 29.58 -7.19 11.06
C THR B 118 28.37 -6.39 11.53
N PHE B 119 28.53 -5.08 11.65
CA PHE B 119 27.44 -4.22 12.08
C PHE B 119 26.32 -4.29 11.02
N TYR B 120 26.71 -4.21 9.75
CA TYR B 120 25.77 -4.33 8.64
C TYR B 120 25.06 -5.71 8.68
N LEU B 121 25.85 -6.79 8.88
CA LEU B 121 25.29 -8.14 8.94
C LEU B 121 24.24 -8.24 10.04
N GLY B 122 24.49 -7.57 11.16
CA GLY B 122 23.54 -7.56 12.25
C GLY B 122 22.24 -6.86 11.86
N GLU B 123 22.35 -5.81 11.04
CA GLU B 123 21.15 -5.10 10.59
C GLU B 123 20.32 -5.99 9.64
N ALA B 124 21.01 -6.74 8.78
CA ALA B 124 20.33 -7.64 7.87
C ALA B 124 19.53 -8.67 8.69
N MET B 125 20.14 -9.15 9.78
CA MET B 125 19.50 -10.14 10.65
C MET B 125 18.35 -9.51 11.40
N HIS B 126 18.47 -8.21 11.65
CA HIS B 126 17.39 -7.55 12.32
C HIS B 126 16.15 -7.64 11.40
N TYR B 127 16.33 -7.30 10.11
CA TYR B 127 15.20 -7.38 9.20
C TYR B 127 14.70 -8.81 8.99
N PHE B 128 15.61 -9.78 8.96
CA PHE B 128 15.16 -11.17 8.83
C PHE B 128 14.31 -11.58 10.03
N GLY B 129 14.78 -11.24 11.23
CA GLY B 129 14.00 -11.57 12.43
C GLY B 129 12.60 -10.98 12.35
N ASP B 130 12.51 -9.79 11.77
CA ASP B 130 11.24 -9.10 11.60
C ASP B 130 10.33 -9.84 10.64
N ALA B 131 10.93 -10.32 9.55
CA ALA B 131 10.21 -11.09 8.57
C ALA B 131 9.66 -12.35 9.23
N ASP B 132 10.36 -12.83 10.25
CA ASP B 132 9.98 -14.01 11.01
C ASP B 132 9.18 -13.67 12.26
N THR B 133 8.72 -12.43 12.37
CA THR B 133 7.89 -12.03 13.51
C THR B 133 6.43 -12.07 13.02
N PRO B 134 5.58 -12.94 13.62
CA PRO B 134 4.16 -13.11 13.26
C PRO B 134 3.41 -11.84 12.85
N TYR B 135 3.31 -10.86 13.74
CA TYR B 135 2.62 -9.60 13.43
C TYR B 135 3.23 -8.82 12.23
N HIS B 136 4.54 -8.89 12.06
CA HIS B 136 5.19 -8.21 10.95
C HIS B 136 4.92 -8.87 9.60
N ALA B 137 4.93 -10.20 9.57
CA ALA B 137 4.64 -10.91 8.32
C ALA B 137 3.14 -10.83 7.97
N ALA B 138 2.31 -10.50 8.96
CA ALA B 138 0.88 -10.40 8.74
C ALA B 138 0.44 -8.95 8.58
N ASN B 139 1.37 -8.04 8.74
CA ASN B 139 1.07 -6.63 8.61
C ASN B 139 0.08 -6.13 9.61
N VAL B 140 0.16 -6.65 10.83
CA VAL B 140 -0.75 -6.20 11.86
C VAL B 140 0.08 -5.26 12.74
N THR B 141 -0.20 -3.96 12.61
CA THR B 141 0.53 -2.95 13.36
C THR B 141 -0.08 -2.70 14.73
N ALA B 142 0.59 -1.87 15.53
CA ALA B 142 0.12 -1.48 16.86
C ALA B 142 -1.17 -0.66 16.74
N VAL B 143 -1.32 0.06 15.63
CA VAL B 143 -2.56 0.83 15.43
C VAL B 143 -3.75 -0.15 15.22
N ASP B 144 -3.50 -1.27 14.52
CA ASP B 144 -4.54 -2.27 14.22
C ASP B 144 -5.01 -3.08 15.42
N SER B 145 -4.05 -3.49 16.24
CA SER B 145 -4.34 -4.33 17.37
C SER B 145 -3.35 -4.16 18.52
N PRO B 146 -3.85 -4.16 19.76
CA PRO B 146 -2.99 -4.02 20.93
C PRO B 146 -2.15 -5.28 21.09
N GLY B 147 -2.46 -6.29 20.29
CA GLY B 147 -1.75 -7.54 20.35
C GLY B 147 -0.33 -7.49 19.83
N HIS B 148 -0.02 -6.46 19.05
CA HIS B 148 1.33 -6.35 18.51
C HIS B 148 2.36 -6.04 19.62
N VAL B 149 2.13 -4.99 20.40
CA VAL B 149 3.07 -4.67 21.45
C VAL B 149 3.04 -5.75 22.54
N LYS B 150 1.84 -6.23 22.88
CA LYS B 150 1.73 -7.25 23.93
C LYS B 150 2.48 -8.54 23.60
N PHE B 151 2.37 -9.00 22.35
CA PHE B 151 3.04 -10.23 21.97
C PHE B 151 4.55 -10.04 21.96
N GLU B 152 5.00 -8.90 21.48
CA GLU B 152 6.43 -8.65 21.47
C GLU B 152 6.99 -8.55 22.87
N THR B 153 6.21 -7.97 23.79
CA THR B 153 6.60 -7.86 25.18
C THR B 153 6.60 -9.26 25.82
N PHE B 154 5.65 -10.11 25.43
CA PHE B 154 5.55 -11.48 25.93
C PHE B 154 6.83 -12.27 25.52
N ALA B 155 7.24 -12.13 24.26
CA ALA B 155 8.44 -12.79 23.75
C ALA B 155 9.69 -12.23 24.43
N GLU B 156 9.75 -10.92 24.61
CA GLU B 156 10.88 -10.25 25.24
C GLU B 156 11.07 -10.73 26.70
N ASP B 157 9.99 -10.71 27.47
CA ASP B 157 10.06 -11.16 28.87
C ASP B 157 10.42 -12.64 29.03
N ARG B 158 10.12 -13.48 28.03
CA ARG B 158 10.42 -14.90 28.15
C ARG B 158 11.49 -15.37 27.17
N LYS B 159 12.25 -14.43 26.61
CA LYS B 159 13.26 -14.79 25.63
C LYS B 159 14.28 -15.86 25.98
N ASP B 160 14.71 -15.92 27.25
CA ASP B 160 15.70 -16.91 27.67
C ASP B 160 15.19 -18.35 27.61
N GLN B 161 13.88 -18.52 27.67
CA GLN B 161 13.28 -19.84 27.58
C GLN B 161 13.13 -20.31 26.12
N TYR B 162 13.44 -19.44 25.17
CA TYR B 162 13.27 -19.77 23.77
C TYR B 162 14.55 -19.93 22.95
N LYS B 163 15.70 -19.89 23.61
CA LYS B 163 16.95 -20.06 22.89
C LYS B 163 17.13 -21.52 22.46
N ILE B 164 17.74 -21.71 21.29
CA ILE B 164 18.03 -23.07 20.82
C ILE B 164 19.52 -23.04 20.44
N ASN B 165 20.19 -24.19 20.44
CA ASN B 165 21.60 -24.18 20.08
C ASN B 165 22.06 -25.00 18.89
N THR B 166 21.09 -25.44 18.09
CA THR B 166 21.36 -26.20 16.85
C THR B 166 20.08 -26.12 16.03
N THR B 167 20.20 -26.32 14.72
CA THR B 167 19.01 -26.32 13.86
C THR B 167 18.42 -27.73 13.80
N GLY B 168 19.23 -28.72 14.20
CA GLY B 168 18.83 -30.11 14.13
C GLY B 168 19.60 -30.72 12.96
N SER B 169 20.27 -29.87 12.19
CA SER B 169 21.08 -30.31 11.06
C SER B 169 22.53 -29.83 11.19
N LYS B 170 23.44 -30.45 10.46
CA LYS B 170 24.84 -30.06 10.43
C LYS B 170 25.01 -29.50 9.04
N THR B 171 26.08 -28.78 8.78
CA THR B 171 26.22 -28.16 7.46
C THR B 171 26.22 -29.08 6.25
N ASN B 172 26.57 -30.35 6.45
CA ASN B 172 26.53 -31.32 5.34
C ASN B 172 25.08 -31.63 4.96
N ASP B 173 24.15 -31.45 5.89
CA ASP B 173 22.73 -31.74 5.64
C ASP B 173 22.00 -30.71 4.77
N ALA B 174 20.91 -31.16 4.16
CA ALA B 174 20.08 -30.37 3.25
C ALA B 174 19.77 -28.93 3.66
N PHE B 175 19.36 -28.70 4.90
CA PHE B 175 19.04 -27.35 5.32
C PHE B 175 20.16 -26.33 4.97
N TYR B 176 21.41 -26.70 5.17
CA TYR B 176 22.56 -25.84 4.87
C TYR B 176 23.11 -25.99 3.44
N SER B 177 23.22 -27.21 2.95
CA SER B 177 23.76 -27.42 1.62
C SER B 177 22.88 -26.78 0.56
N ASN B 178 21.57 -26.76 0.77
CA ASN B 178 20.63 -26.13 -0.20
C ASN B 178 20.79 -24.60 -0.25
N ILE B 179 21.47 -24.03 0.75
CA ILE B 179 21.71 -22.60 0.83
C ILE B 179 22.81 -22.14 -0.17
N LEU B 180 23.68 -23.06 -0.61
CA LEU B 180 24.73 -22.71 -1.55
C LEU B 180 24.39 -23.06 -3.00
N THR B 181 23.33 -23.82 -3.20
CA THR B 181 22.95 -24.24 -4.54
C THR B 181 22.79 -23.11 -5.58
N ASN B 182 22.06 -22.06 -5.18
CA ASN B 182 21.77 -20.91 -6.02
C ASN B 182 22.88 -19.87 -5.85
N GLU B 183 23.63 -19.59 -6.90
CA GLU B 183 24.71 -18.62 -6.79
C GLU B 183 24.18 -17.20 -6.63
N ASP B 184 22.97 -16.94 -7.13
CA ASP B 184 22.36 -15.61 -7.04
C ASP B 184 21.83 -15.39 -5.62
N PHE B 185 22.55 -14.60 -4.83
CA PHE B 185 22.12 -14.33 -3.45
C PHE B 185 20.70 -13.75 -3.34
N ASN B 186 20.42 -12.72 -4.13
CA ASN B 186 19.13 -12.05 -4.08
C ASN B 186 17.93 -12.99 -4.21
N SER B 187 17.88 -13.82 -5.26
CA SER B 187 16.75 -14.73 -5.43
C SER B 187 16.78 -15.81 -4.34
N TRP B 188 17.97 -16.24 -3.93
CA TRP B 188 18.04 -17.22 -2.87
C TRP B 188 17.43 -16.63 -1.59
N SER B 189 17.90 -15.45 -1.19
CA SER B 189 17.44 -14.80 0.03
C SER B 189 15.92 -14.53 0.04
N LYS B 190 15.40 -14.06 -1.10
CA LYS B 190 13.95 -13.79 -1.19
C LYS B 190 13.09 -15.02 -0.86
N GLU B 191 13.43 -16.15 -1.47
CA GLU B 191 12.67 -17.37 -1.28
C GLU B 191 12.95 -18.05 0.07
N PHE B 192 14.17 -17.89 0.56
CA PHE B 192 14.54 -18.48 1.86
C PHE B 192 13.75 -17.73 2.92
N ALA B 193 13.75 -16.39 2.82
CA ALA B 193 13.04 -15.52 3.77
C ALA B 193 11.51 -15.68 3.65
N ARG B 194 11.04 -15.90 2.42
CA ARG B 194 9.62 -16.12 2.15
C ARG B 194 9.06 -17.33 2.91
N SER B 195 9.75 -18.47 2.84
CA SER B 195 9.25 -19.64 3.57
C SER B 195 9.20 -19.38 5.08
N PHE B 196 10.21 -18.73 5.64
CA PHE B 196 10.15 -18.44 7.09
C PHE B 196 9.05 -17.43 7.41
N ALA B 197 8.87 -16.43 6.56
CA ALA B 197 7.86 -15.40 6.77
C ALA B 197 6.43 -15.96 6.63
N LYS B 198 6.23 -16.79 5.63
CA LYS B 198 4.91 -17.40 5.42
C LYS B 198 4.53 -18.20 6.69
N THR B 199 5.48 -18.97 7.24
CA THR B 199 5.21 -19.73 8.46
C THR B 199 4.91 -18.75 9.59
N ALA B 200 5.67 -17.66 9.69
CA ALA B 200 5.38 -16.65 10.74
C ALA B 200 3.96 -16.08 10.60
N LYS B 201 3.60 -15.76 9.35
CA LYS B 201 2.27 -15.19 9.06
C LYS B 201 1.16 -16.19 9.45
N ASP B 202 1.33 -17.48 9.15
CA ASP B 202 0.33 -18.47 9.53
C ASP B 202 0.16 -18.48 11.05
N LEU B 203 1.28 -18.38 11.79
CA LEU B 203 1.23 -18.34 13.26
C LEU B 203 0.43 -17.13 13.78
N TYR B 204 0.45 -16.00 13.07
CA TYR B 204 -0.37 -14.88 13.56
C TYR B 204 -1.83 -15.32 13.53
N TYR B 205 -2.26 -15.87 12.39
CA TYR B 205 -3.64 -16.33 12.23
C TYR B 205 -4.01 -17.53 13.11
N SER B 206 -3.08 -18.46 13.29
CA SER B 206 -3.37 -19.64 14.10
C SER B 206 -3.13 -19.55 15.62
N HIS B 207 -2.05 -18.92 16.05
CA HIS B 207 -1.74 -18.89 17.49
C HIS B 207 -1.41 -17.58 18.19
N ALA B 208 -0.93 -16.57 17.45
CA ALA B 208 -0.49 -15.33 18.07
C ALA B 208 -1.40 -14.14 18.17
N ASN B 209 -2.60 -14.24 17.61
CA ASN B 209 -3.49 -13.09 17.65
C ASN B 209 -4.13 -12.89 19.01
N MET B 210 -4.78 -11.75 19.16
CA MET B 210 -5.45 -11.30 20.38
C MET B 210 -6.61 -12.22 20.82
N SER B 211 -7.07 -13.08 19.91
CA SER B 211 -8.17 -14.00 20.22
C SER B 211 -7.69 -15.37 20.70
N CYS B 212 -6.37 -15.57 20.77
CA CYS B 212 -5.81 -16.83 21.21
C CYS B 212 -5.45 -16.84 22.70
N SER B 213 -5.14 -18.03 23.20
CA SER B 213 -4.79 -18.23 24.60
C SER B 213 -3.30 -18.08 24.90
N TRP B 214 -3.00 -18.00 26.20
CA TRP B 214 -1.64 -17.87 26.71
C TRP B 214 -0.80 -19.03 26.17
N ASP B 215 -1.35 -20.24 26.23
CA ASP B 215 -0.62 -21.39 25.75
C ASP B 215 -0.34 -21.32 24.26
N GLU B 216 -1.28 -20.73 23.50
CA GLU B 216 -1.09 -20.58 22.06
C GLU B 216 -0.02 -19.52 21.75
N TRP B 217 0.01 -18.45 22.55
CA TRP B 217 1.04 -17.42 22.40
C TRP B 217 2.41 -18.04 22.70
N ASP B 218 2.44 -18.88 23.74
CA ASP B 218 3.66 -19.57 24.15
C ASP B 218 4.23 -20.41 23.01
N TYR B 219 3.35 -21.15 22.33
CA TYR B 219 3.78 -21.99 21.20
C TYR B 219 4.25 -21.11 20.04
N ALA B 220 3.50 -20.04 19.76
CA ALA B 220 3.82 -19.10 18.68
C ALA B 220 5.19 -18.47 18.90
N ALA B 221 5.43 -18.01 20.13
CA ALA B 221 6.70 -17.39 20.47
C ALA B 221 7.82 -18.41 20.35
N LYS B 222 7.55 -19.61 20.86
CA LYS B 222 8.51 -20.69 20.80
C LYS B 222 8.90 -21.02 19.35
N VAL B 223 7.91 -21.26 18.48
CA VAL B 223 8.23 -21.61 17.09
C VAL B 223 8.86 -20.47 16.27
N ALA B 224 8.26 -19.28 16.37
CA ALA B 224 8.75 -18.10 15.63
C ALA B 224 10.16 -17.74 16.04
N LEU B 225 10.45 -17.78 17.34
CA LEU B 225 11.80 -17.48 17.80
C LEU B 225 12.80 -18.55 17.37
N ALA B 226 12.40 -19.82 17.40
CA ALA B 226 13.31 -20.90 16.99
C ALA B 226 13.64 -20.75 15.50
N ASN B 227 12.60 -20.43 14.72
CA ASN B 227 12.76 -20.26 13.27
C ASN B 227 13.63 -19.04 12.97
N SER B 228 13.46 -17.97 13.74
CA SER B 228 14.27 -16.78 13.58
C SER B 228 15.74 -17.17 13.80
N GLN B 229 15.98 -17.99 14.81
CA GLN B 229 17.34 -18.43 15.12
C GLN B 229 17.92 -19.34 14.05
N LYS B 230 17.15 -20.29 13.54
CA LYS B 230 17.66 -21.19 12.51
C LYS B 230 17.93 -20.42 11.21
N GLY B 231 17.04 -19.50 10.86
CA GLY B 231 17.23 -18.74 9.63
C GLY B 231 18.46 -17.84 9.70
N THR B 232 18.68 -17.26 10.87
CA THR B 232 19.80 -16.36 11.10
C THR B 232 21.09 -17.17 10.91
N SER B 233 21.07 -18.40 11.40
CA SER B 233 22.22 -19.27 11.27
C SER B 233 22.44 -19.55 9.79
N GLY B 234 21.34 -19.75 9.06
CA GLY B 234 21.46 -20.00 7.63
C GLY B 234 22.06 -18.82 6.88
N TYR B 235 21.70 -17.61 7.26
CA TYR B 235 22.26 -16.44 6.61
C TYR B 235 23.74 -16.30 6.93
N ILE B 236 24.10 -16.56 8.19
CA ILE B 236 25.50 -16.47 8.62
C ILE B 236 26.32 -17.46 7.81
N TYR B 237 25.77 -18.65 7.61
CA TYR B 237 26.43 -19.67 6.82
C TYR B 237 26.56 -19.21 5.35
N ARG B 238 25.50 -18.65 4.78
CA ARG B 238 25.58 -18.15 3.40
C ARG B 238 26.66 -17.06 3.31
N PHE B 239 26.69 -16.18 4.30
CA PHE B 239 27.63 -15.09 4.34
C PHE B 239 29.10 -15.56 4.38
N LEU B 240 29.41 -16.50 5.29
CA LEU B 240 30.77 -17.03 5.39
C LEU B 240 31.19 -17.58 4.05
N HIS B 241 30.29 -18.29 3.38
CA HIS B 241 30.65 -18.83 2.07
C HIS B 241 30.82 -17.76 1.01
N ASP B 242 30.00 -16.70 1.06
CA ASP B 242 30.09 -15.63 0.06
C ASP B 242 31.37 -14.83 0.16
N VAL B 243 31.86 -14.63 1.39
CA VAL B 243 33.08 -13.85 1.59
C VAL B 243 34.35 -14.71 1.55
N SER B 244 34.20 -16.03 1.52
CA SER B 244 35.35 -16.95 1.49
C SER B 244 35.51 -17.51 0.09
N ASP B 245 34.42 -18.07 -0.44
CA ASP B 245 34.44 -18.67 -1.77
C ASP B 245 34.48 -17.50 -2.75
N GLY B 246 35.69 -17.15 -3.17
CA GLY B 246 35.89 -16.05 -4.09
C GLY B 246 35.33 -16.25 -5.48
N LYS B 247 34.09 -16.75 -5.57
CA LYS B 247 33.42 -16.98 -6.86
C LYS B 247 33.09 -15.61 -7.44
N ASP B 248 33.65 -15.31 -8.62
CA ASP B 248 33.49 -14.03 -9.32
C ASP B 248 32.25 -13.18 -8.98
N SER B 249 31.17 -13.34 -9.74
CA SER B 249 29.92 -12.58 -9.51
C SER B 249 28.89 -12.69 -10.65
N SER B 250 29.39 -12.85 -11.88
CA SER B 250 28.56 -12.92 -13.11
C SER B 250 28.25 -11.48 -13.54
N ALA B 251 29.11 -10.96 -14.40
CA ALA B 251 28.97 -9.59 -14.92
C ALA B 251 27.87 -9.44 -15.98
N ASN B 252 27.30 -10.57 -16.43
CA ASN B 252 26.25 -10.52 -17.45
C ASN B 252 24.82 -10.71 -16.96
N LYS B 253 24.58 -10.53 -15.67
CA LYS B 253 23.24 -10.66 -15.09
C LYS B 253 22.47 -9.35 -15.35
N ASN B 254 21.24 -9.44 -15.82
CA ASN B 254 20.42 -8.25 -16.07
C ASN B 254 20.23 -7.41 -14.80
N VAL B 255 20.12 -6.10 -14.97
CA VAL B 255 19.91 -5.19 -13.84
C VAL B 255 18.46 -4.74 -13.93
N ASN B 256 17.64 -5.14 -12.96
CA ASN B 256 16.23 -4.75 -12.97
C ASN B 256 16.02 -3.56 -12.04
N GLU B 257 16.95 -3.35 -11.14
CA GLU B 257 16.84 -2.24 -10.24
C GLU B 257 18.17 -1.81 -9.60
N LEU B 258 18.22 -0.53 -9.28
CA LEU B 258 19.38 0.04 -8.63
C LEU B 258 18.92 0.43 -7.22
N VAL B 259 19.82 0.31 -6.24
CA VAL B 259 19.50 0.68 -4.87
C VAL B 259 20.57 1.67 -4.42
N ALA B 260 20.14 2.85 -3.96
CA ALA B 260 21.10 3.83 -3.47
C ALA B 260 20.98 3.95 -1.96
N TYR B 261 22.12 3.97 -1.27
CA TYR B 261 22.12 4.14 0.18
C TYR B 261 22.82 5.49 0.34
N ILE B 262 22.07 6.52 0.67
CA ILE B 262 22.62 7.86 0.80
C ILE B 262 22.72 8.40 2.21
N THR B 263 23.94 8.81 2.58
CA THR B 263 24.23 9.39 3.89
C THR B 263 24.37 10.91 3.76
N THR B 264 23.44 11.65 4.36
CA THR B 264 23.47 13.10 4.34
C THR B 264 24.47 13.54 5.42
N GLY B 265 25.18 14.63 5.16
CA GLY B 265 26.16 15.12 6.13
C GLY B 265 25.57 15.54 7.48
N GLY B 266 26.40 15.51 8.52
CA GLY B 266 25.94 15.90 9.84
C GLY B 266 26.00 17.39 10.16
N GLU B 267 26.52 18.21 9.24
CA GLU B 267 26.59 19.65 9.49
C GLU B 267 25.20 20.25 9.59
N LYS B 268 25.07 21.26 10.43
CA LYS B 268 23.80 21.96 10.56
C LYS B 268 23.47 22.49 9.16
N TYR B 269 22.20 22.39 8.78
CA TYR B 269 21.74 22.84 7.45
C TYR B 269 22.08 21.89 6.29
N ALA B 270 22.76 20.78 6.55
CA ALA B 270 23.08 19.83 5.47
C ALA B 270 21.85 19.21 4.81
N GLY B 271 20.76 19.05 5.57
CA GLY B 271 19.54 18.48 5.03
C GLY B 271 18.77 19.44 4.14
N THR B 272 17.88 18.92 3.29
CA THR B 272 17.06 19.75 2.40
C THR B 272 15.61 19.28 2.25
N ASP B 273 14.72 20.22 1.94
CA ASP B 273 13.33 19.89 1.69
C ASP B 273 13.00 20.03 0.19
N ASP B 274 14.01 20.36 -0.62
CA ASP B 274 13.82 20.48 -2.08
C ASP B 274 13.73 19.10 -2.73
N TYR B 275 13.23 19.06 -3.96
CA TYR B 275 13.12 17.81 -4.72
C TYR B 275 14.50 17.27 -5.03
N MET B 276 14.67 15.94 -4.85
CA MET B 276 15.93 15.24 -5.11
C MET B 276 15.70 14.09 -6.08
N TYR B 277 16.54 14.01 -7.09
CA TYR B 277 16.42 12.99 -8.12
C TYR B 277 17.67 12.16 -8.27
N PHE B 278 17.50 10.96 -8.83
CA PHE B 278 18.58 10.03 -9.13
C PHE B 278 18.30 9.64 -10.59
N GLY B 279 19.34 9.66 -11.42
CA GLY B 279 19.17 9.32 -12.81
C GLY B 279 20.35 8.59 -13.43
N ILE B 280 20.11 8.04 -14.62
CA ILE B 280 21.13 7.29 -15.35
C ILE B 280 21.07 7.46 -16.86
N LYS B 281 22.24 7.34 -17.47
CA LYS B 281 22.36 7.41 -18.93
C LYS B 281 23.14 6.15 -19.34
N THR B 282 22.61 5.44 -20.33
CA THR B 282 23.26 4.22 -20.83
C THR B 282 24.29 4.51 -21.93
N LYS B 283 25.07 3.48 -22.32
CA LYS B 283 26.08 3.62 -23.38
C LYS B 283 25.39 4.14 -24.64
N ASP B 284 24.20 3.59 -24.89
CA ASP B 284 23.35 3.91 -26.03
C ASP B 284 22.67 5.29 -25.95
N GLY B 285 23.04 6.09 -24.96
CA GLY B 285 22.46 7.40 -24.79
C GLY B 285 21.05 7.47 -24.19
N GLN B 286 20.50 6.32 -23.78
CA GLN B 286 19.16 6.30 -23.18
C GLN B 286 19.20 6.90 -21.78
N THR B 287 18.08 7.48 -21.34
CA THR B 287 18.07 8.13 -20.04
C THR B 287 16.84 7.85 -19.16
N GLN B 288 17.06 7.74 -17.85
CA GLN B 288 15.96 7.52 -16.91
C GLN B 288 16.24 8.21 -15.56
N GLU B 289 15.24 8.97 -15.08
CA GLU B 289 15.38 9.68 -13.80
C GLU B 289 14.20 9.45 -12.84
N TRP B 290 14.51 9.28 -11.55
CA TRP B 290 13.50 9.06 -10.53
C TRP B 290 13.58 10.07 -9.38
N THR B 291 12.41 10.49 -8.88
CA THR B 291 12.31 11.38 -7.73
C THR B 291 12.55 10.47 -6.51
N MET B 292 13.44 10.88 -5.61
CA MET B 292 13.68 10.09 -4.41
C MET B 292 12.70 10.54 -3.34
N ASP B 293 11.85 9.63 -2.89
CA ASP B 293 10.84 9.94 -1.87
C ASP B 293 10.35 8.71 -1.09
N ASN B 294 10.51 8.75 0.23
CA ASN B 294 10.03 7.68 1.13
C ASN B 294 8.84 8.24 1.92
N PRO B 295 8.15 7.41 2.74
CA PRO B 295 6.98 7.96 3.47
C PRO B 295 7.23 9.13 4.44
N GLY B 296 8.31 9.06 5.22
CA GLY B 296 8.64 10.13 6.16
C GLY B 296 9.44 11.28 5.56
N ASN B 297 10.27 11.91 6.39
CA ASN B 297 11.07 13.04 5.93
C ASN B 297 12.48 12.68 5.42
N ASP B 298 12.64 12.76 4.10
CA ASP B 298 13.89 12.45 3.41
C ASP B 298 14.96 13.56 3.46
N PHE B 299 16.22 13.13 3.38
CA PHE B 299 17.37 14.04 3.33
C PHE B 299 17.43 15.05 4.48
N MET B 300 17.41 14.53 5.69
CA MET B 300 17.48 15.33 6.88
C MET B 300 18.93 15.24 7.32
N THR B 301 19.36 16.26 8.02
CA THR B 301 20.72 16.29 8.51
C THR B 301 21.05 14.99 9.24
N GLY B 302 22.11 14.33 8.79
CA GLY B 302 22.54 13.11 9.44
C GLY B 302 21.84 11.83 9.07
N SER B 303 20.80 11.88 8.24
CA SER B 303 20.14 10.63 7.93
C SER B 303 20.81 9.75 6.86
N GLN B 304 20.55 8.44 6.97
CA GLN B 304 21.03 7.48 6.01
C GLN B 304 19.74 6.84 5.45
N ASP B 305 19.41 7.15 4.21
CA ASP B 305 18.21 6.58 3.59
C ASP B 305 18.47 5.68 2.39
N THR B 306 17.44 4.91 2.04
CA THR B 306 17.54 3.99 0.94
C THR B 306 16.53 4.32 -0.13
N TYR B 307 16.91 4.19 -1.40
CA TYR B 307 15.98 4.44 -2.50
C TYR B 307 16.24 3.39 -3.57
N THR B 308 15.16 2.77 -4.02
CA THR B 308 15.21 1.72 -5.03
C THR B 308 14.60 2.20 -6.32
N PHE B 309 15.30 1.92 -7.41
CA PHE B 309 14.89 2.35 -8.73
C PHE B 309 14.64 1.19 -9.71
N LYS B 310 13.40 1.07 -10.22
CA LYS B 310 13.06 0.01 -11.18
C LYS B 310 13.33 0.54 -12.57
N LEU B 311 14.18 -0.14 -13.32
CA LEU B 311 14.53 0.27 -14.67
C LEU B 311 13.44 -0.04 -15.70
N LYS B 312 13.23 0.88 -16.65
CA LYS B 312 12.22 0.70 -17.69
C LYS B 312 12.67 -0.45 -18.60
N ASP B 313 13.94 -0.41 -18.96
CA ASP B 313 14.57 -1.40 -19.83
C ASP B 313 15.12 -2.55 -18.97
N LYS B 314 14.45 -3.69 -19.03
CA LYS B 314 14.89 -4.84 -18.24
C LYS B 314 15.97 -5.73 -18.87
N ASN B 315 16.66 -5.23 -19.90
CA ASN B 315 17.71 -6.00 -20.57
C ASN B 315 19.13 -5.46 -20.37
N LEU B 316 19.28 -4.40 -19.57
CA LEU B 316 20.60 -3.80 -19.34
C LEU B 316 21.55 -4.54 -18.40
N LYS B 317 22.85 -4.47 -18.71
CA LYS B 317 23.92 -5.07 -17.89
C LYS B 317 24.53 -3.90 -17.14
N ILE B 318 25.12 -4.15 -15.98
CA ILE B 318 25.67 -3.04 -15.21
C ILE B 318 26.63 -2.14 -16.00
N ASP B 319 27.45 -2.73 -16.85
CA ASP B 319 28.42 -1.96 -17.64
C ASP B 319 27.78 -1.05 -18.67
N ASP B 320 26.51 -1.31 -18.99
CA ASP B 320 25.77 -0.49 -19.96
C ASP B 320 25.38 0.86 -19.38
N ILE B 321 25.39 0.96 -18.05
CA ILE B 321 25.03 2.22 -17.38
C ILE B 321 26.28 3.08 -17.30
N GLN B 322 26.38 4.01 -18.24
CA GLN B 322 27.54 4.90 -18.32
C GLN B 322 27.57 6.03 -17.29
N ASN B 323 26.43 6.71 -17.12
CA ASN B 323 26.36 7.82 -16.18
C ASN B 323 25.32 7.68 -15.09
N MET B 324 25.65 8.21 -13.91
CA MET B 324 24.77 8.24 -12.73
C MET B 324 24.94 9.58 -12.06
N TRP B 325 23.85 10.12 -11.53
CA TRP B 325 23.88 11.43 -10.87
C TRP B 325 22.68 11.58 -9.94
N ILE B 326 22.76 12.62 -9.11
CA ILE B 326 21.65 12.99 -8.25
C ILE B 326 21.44 14.45 -8.61
N ARG B 327 20.20 14.91 -8.55
CA ARG B 327 19.92 16.30 -8.91
C ARG B 327 18.95 16.96 -7.93
N LYS B 328 19.15 18.25 -7.67
CA LYS B 328 18.28 19.00 -6.78
C LYS B 328 17.48 20.03 -7.56
N SER B 329 16.24 20.20 -7.15
CA SER B 329 15.38 21.16 -7.81
C SER B 329 14.70 21.99 -6.75
N LYS B 330 14.56 23.29 -7.02
CA LYS B 330 13.94 24.19 -6.07
C LYS B 330 12.64 24.81 -6.59
N TYR B 331 11.80 25.26 -5.65
CA TYR B 331 10.55 25.94 -5.97
C TYR B 331 10.68 27.44 -5.64
N THR B 332 11.42 27.75 -4.56
CA THR B 332 11.65 29.14 -4.17
C THR B 332 12.78 29.77 -4.97
N GLU B 333 13.11 31.02 -4.66
CA GLU B 333 14.16 31.73 -5.37
C GLU B 333 15.58 31.17 -5.16
N PHE B 334 15.90 30.84 -3.92
CA PHE B 334 17.22 30.32 -3.63
C PHE B 334 17.23 28.87 -3.17
N GLY B 335 16.04 28.30 -2.94
CA GLY B 335 15.94 26.91 -2.52
C GLY B 335 16.47 26.59 -1.13
N ASP B 336 16.86 25.34 -0.97
CA ASP B 336 17.38 24.82 0.29
C ASP B 336 18.61 23.98 -0.04
N ASP B 337 19.78 24.46 0.36
CA ASP B 337 21.04 23.78 0.08
C ASP B 337 21.11 22.39 0.69
N TYR B 338 21.78 21.50 -0.03
CA TYR B 338 21.90 20.12 0.39
C TYR B 338 23.36 19.67 0.42
N LYS B 339 23.76 19.06 1.52
CA LYS B 339 25.13 18.59 1.59
C LYS B 339 25.24 17.11 1.85
N PRO B 340 25.36 16.31 0.78
CA PRO B 340 25.47 14.86 0.96
C PRO B 340 26.87 14.45 1.38
N ALA B 341 26.97 13.47 2.28
CA ALA B 341 28.28 12.99 2.72
C ALA B 341 28.76 11.79 1.89
N ASN B 342 27.86 10.85 1.60
CA ASN B 342 28.25 9.65 0.85
C ASN B 342 27.09 8.96 0.17
N ILE B 343 27.35 8.36 -0.98
CA ILE B 343 26.33 7.61 -1.70
C ILE B 343 26.87 6.28 -2.18
N LYS B 344 26.13 5.20 -1.90
CA LYS B 344 26.53 3.88 -2.37
C LYS B 344 25.46 3.38 -3.33
N VAL B 345 25.85 2.74 -4.43
CA VAL B 345 24.87 2.22 -5.38
C VAL B 345 25.06 0.73 -5.46
N ILE B 346 23.97 -0.01 -5.29
CA ILE B 346 24.01 -1.46 -5.28
C ILE B 346 23.26 -2.04 -6.48
N ALA B 347 23.83 -3.06 -7.11
CA ALA B 347 23.21 -3.70 -8.27
C ALA B 347 23.47 -5.20 -8.17
N ASN B 348 22.40 -5.98 -8.25
CA ASN B 348 22.48 -7.44 -8.16
C ASN B 348 23.34 -7.98 -7.01
N GLY B 349 23.13 -7.46 -5.81
CA GLY B 349 23.88 -7.92 -4.66
C GLY B 349 25.24 -7.32 -4.44
N ASN B 350 25.77 -6.59 -5.43
CA ASN B 350 27.09 -5.97 -5.30
C ASN B 350 27.08 -4.43 -5.22
N VAL B 351 27.91 -3.91 -4.33
CA VAL B 351 28.07 -2.47 -4.18
C VAL B 351 28.94 -2.10 -5.37
N VAL B 352 28.37 -1.44 -6.38
CA VAL B 352 29.15 -1.06 -7.56
C VAL B 352 29.62 0.39 -7.57
N LEU B 353 29.35 1.13 -6.50
CA LEU B 353 29.78 2.52 -6.41
C LEU B 353 29.77 2.97 -4.97
N ASN B 354 30.87 3.55 -4.53
CA ASN B 354 30.96 4.09 -3.18
C ASN B 354 31.64 5.44 -3.38
N LYS B 355 30.88 6.52 -3.27
CA LYS B 355 31.45 7.84 -3.48
C LYS B 355 31.23 8.84 -2.38
N ASP B 356 32.33 9.34 -1.83
CA ASP B 356 32.25 10.37 -0.81
C ASP B 356 31.96 11.68 -1.54
N ILE B 357 31.16 12.54 -0.93
CA ILE B 357 30.87 13.81 -1.56
C ILE B 357 31.31 14.98 -0.68
N ASN B 358 30.69 15.14 0.49
CA ASN B 358 31.03 16.22 1.40
C ASN B 358 31.29 17.54 0.63
N GLU B 359 30.27 17.95 -0.12
CA GLU B 359 30.30 19.17 -0.95
C GLU B 359 28.83 19.63 -1.01
N TRP B 360 28.57 20.92 -1.17
CA TRP B 360 27.19 21.42 -1.25
C TRP B 360 26.63 21.42 -2.67
N ILE B 361 25.33 21.20 -2.74
CA ILE B 361 24.59 21.23 -4.00
C ILE B 361 23.57 22.36 -3.79
N SER B 362 23.55 23.33 -4.70
CA SER B 362 22.66 24.50 -4.56
C SER B 362 21.71 24.71 -5.71
N GLY B 363 20.59 25.40 -5.41
CA GLY B 363 19.58 25.67 -6.42
C GLY B 363 19.20 24.45 -7.23
N ASN B 364 19.24 24.62 -8.54
CA ASN B 364 18.94 23.58 -9.52
C ASN B 364 20.29 23.12 -10.08
N SER B 365 20.81 22.00 -9.58
CA SER B 365 22.09 21.48 -10.07
C SER B 365 22.07 19.98 -10.18
N THR B 366 23.02 19.48 -10.95
CA THR B 366 23.20 18.06 -11.16
C THR B 366 24.61 17.68 -10.72
N TYR B 367 24.71 16.77 -9.76
CA TYR B 367 25.99 16.31 -9.26
C TYR B 367 26.26 14.89 -9.76
N ASN B 368 27.18 14.75 -10.71
CA ASN B 368 27.49 13.44 -11.27
C ASN B 368 28.25 12.58 -10.27
N ILE B 369 27.91 11.28 -10.25
CA ILE B 369 28.58 10.35 -9.34
C ILE B 369 29.32 9.25 -10.11
N LYS B 370 28.96 9.09 -11.38
CA LYS B 370 29.60 8.14 -12.28
C LYS B 370 29.53 8.73 -13.69
ZN ZN C . -19.39 -6.86 -0.52
ZN ZN D . -17.83 -5.51 -3.07
ZN ZN E . -15.45 -9.92 0.71
ZN ZN F . 11.81 -6.49 15.53
ZN ZN G . 12.39 -3.94 13.57
ZN ZN H . 7.07 -5.07 16.05
#